data_3ASP
#
_entry.id   3ASP
#
_cell.length_a   74.624
_cell.length_b   74.624
_cell.length_c   106.996
_cell.angle_alpha   90.000
_cell.angle_beta   90.000
_cell.angle_gamma   120.000
#
_symmetry.space_group_name_H-M   'P 31'
#
loop_
_entity.id
_entity.type
_entity.pdbx_description
1 polymer 'Capsid protein'
2 branched alpha-L-fucopyranose-(1-2)-[2-acetamido-2-deoxy-alpha-D-galactopyranose-(1-3)]beta-D-galactopyranose-(1-3)-2-acetamido-2-deoxy-beta-D-glucopyranose
3 non-polymer 'SODIUM ION'
4 water water
#
_entity_poly.entity_id   1
_entity_poly.type   'polypeptide(L)'
_entity_poly.pdbx_seq_one_letter_code
;GPLGSVPPTIEQKTRAFTVPNIPLQTLSNSRFPSLIQGMILSPDASQVVQFQNGRCLIDGQLLGTTPATSGQLFRVRGKI
NQGARTLNLTEVDGKPFMAFDSPAPVGFPDFGKCDWHMRISKTPNNTSSGDPMRSVSVQTNVQGFVPHLGSIQFDEVFNH
PTGDYIGTIEWISQPSTPPGTDINLWEIPDYGSSLSQAANLAPPVFPPGFGEALVYFVSAFPGPNNRSAPNDVPCLLPQE
YITHFVSEQAPTMGDAALLHYVDPDTNRNLGEFKLYPGGYLTCVPNGVGAGPQQLPLNGVFLFVSWVSRFYQLKPVGTAS
TARSRL
;
_entity_poly.pdbx_strand_id   A,B
#
loop_
_chem_comp.id
_chem_comp.type
_chem_comp.name
_chem_comp.formula
A2G D-saccharide, alpha linking 2-acetamido-2-deoxy-alpha-D-galactopyranose 'C8 H15 N O6'
FUC L-saccharide, alpha linking alpha-L-fucopyranose 'C6 H12 O5'
GAL D-saccharide, beta linking beta-D-galactopyranose 'C6 H12 O6'
NA non-polymer 'SODIUM ION' 'Na 1'
NAG D-saccharide, beta linking 2-acetamido-2-deoxy-beta-D-glucopyranose 'C8 H15 N O6'
#
# COMPACT_ATOMS: atom_id res chain seq x y z
N THR A 9 3.69 29.89 9.91
CA THR A 9 2.51 30.51 10.58
C THR A 9 2.38 30.05 12.02
N ILE A 10 1.58 30.77 12.81
CA ILE A 10 1.29 30.43 14.21
C ILE A 10 0.63 29.05 14.31
N GLU A 11 -0.34 28.80 13.44
CA GLU A 11 -1.07 27.53 13.42
C GLU A 11 -0.12 26.34 13.18
N GLN A 12 0.80 26.50 12.23
CA GLN A 12 1.80 25.47 11.93
C GLN A 12 2.68 25.14 13.12
N LYS A 13 3.10 26.17 13.85
CA LYS A 13 4.01 25.99 14.98
C LYS A 13 3.32 25.60 16.28
N THR A 14 1.99 25.63 16.28
CA THR A 14 1.20 25.24 17.44
C THR A 14 0.31 24.03 17.16
N ARG A 15 0.47 23.43 15.98
CA ARG A 15 -0.35 22.29 15.56
C ARG A 15 -0.19 21.13 16.53
N ALA A 16 -1.30 20.71 17.13
CA ALA A 16 -1.31 19.64 18.12
C ALA A 16 -0.95 18.29 17.50
N PHE A 17 -0.17 17.50 18.23
CA PHE A 17 0.23 16.17 17.81
C PHE A 17 -0.94 15.20 17.87
N THR A 18 -1.07 14.38 16.83
CA THR A 18 -2.10 13.35 16.76
C THR A 18 -1.55 12.09 16.11
N VAL A 19 -2.22 10.96 16.34
CA VAL A 19 -1.95 9.72 15.60
C VAL A 19 -3.26 9.28 14.92
N PRO A 20 -3.16 8.51 13.82
CA PRO A 20 -4.36 8.03 13.12
C PRO A 20 -5.29 7.22 14.04
N ASN A 21 -6.57 7.53 13.98
CA ASN A 21 -7.59 6.90 14.81
C ASN A 21 -8.18 5.68 14.12
N ILE A 22 -7.35 4.65 13.95
CA ILE A 22 -7.72 3.45 13.20
C ILE A 22 -7.17 2.23 13.95
N PRO A 23 -7.97 1.15 14.10
CA PRO A 23 -7.50 -0.03 14.81
C PRO A 23 -6.25 -0.65 14.16
N LEU A 24 -5.40 -1.22 15.00
CA LEU A 24 -4.10 -1.73 14.55
C LEU A 24 -4.21 -2.77 13.43
N GLN A 25 -5.18 -3.67 13.54
CA GLN A 25 -5.41 -4.73 12.55
C GLN A 25 -5.73 -4.20 11.15
N THR A 26 -6.05 -2.92 11.06
CA THR A 26 -6.41 -2.25 9.81
C THR A 26 -5.23 -1.44 9.28
N LEU A 27 -4.19 -1.29 10.10
CA LEU A 27 -2.98 -0.56 9.71
C LEU A 27 -1.98 -1.44 8.96
N SER A 28 -1.01 -0.80 8.31
CA SER A 28 -0.11 -1.47 7.38
C SER A 28 1.34 -1.50 7.84
N ASN A 29 2.03 -2.57 7.48
CA ASN A 29 3.47 -2.69 7.67
C ASN A 29 4.18 -1.62 6.86
N SER A 30 5.31 -1.14 7.37
CA SER A 30 6.06 -0.09 6.69
C SER A 30 7.34 -0.58 6.02
N ARG A 31 7.56 -1.89 6.05
CA ARG A 31 8.66 -2.49 5.30
C ARG A 31 8.18 -3.16 4.01
N PHE A 32 6.92 -3.57 3.99
CA PHE A 32 6.26 -3.97 2.74
C PHE A 32 4.75 -3.76 2.88
N PRO A 33 4.03 -3.54 1.77
CA PRO A 33 2.60 -3.26 1.86
C PRO A 33 1.80 -4.50 2.25
N SER A 34 1.29 -4.49 3.47
CA SER A 34 0.49 -5.58 4.00
C SER A 34 -0.09 -5.13 5.33
N LEU A 35 -1.25 -5.67 5.69
CA LEU A 35 -1.80 -5.42 7.01
C LEU A 35 -0.86 -5.91 8.10
N ILE A 36 -0.85 -5.19 9.22
CA ILE A 36 -0.18 -5.63 10.43
C ILE A 36 -0.96 -6.80 11.02
N GLN A 37 -0.23 -7.85 11.39
CA GLN A 37 -0.85 -9.08 11.90
C GLN A 37 -0.53 -9.34 13.37
N GLY A 38 0.36 -8.55 13.94
CA GLY A 38 0.70 -8.70 15.35
C GLY A 38 1.72 -7.69 15.84
N MET A 39 1.86 -7.62 17.17
CA MET A 39 2.92 -6.85 17.81
C MET A 39 3.79 -7.84 18.55
N ILE A 40 5.11 -7.66 18.47
CA ILE A 40 6.03 -8.51 19.22
C ILE A 40 7.19 -7.73 19.82
N LEU A 41 7.87 -8.37 20.76
CA LEU A 41 9.19 -7.94 21.21
C LEU A 41 10.22 -8.73 20.42
N SER A 42 11.44 -8.18 20.26
CA SER A 42 12.50 -8.94 19.62
C SER A 42 12.87 -10.14 20.49
N PRO A 43 13.08 -11.31 19.88
CA PRO A 43 13.45 -12.53 20.62
C PRO A 43 14.71 -12.33 21.46
N ASP A 44 15.70 -11.65 20.88
CA ASP A 44 16.90 -11.23 21.59
C ASP A 44 16.59 -9.86 22.20
N ALA A 45 16.61 -9.79 23.52
CA ALA A 45 16.35 -8.53 24.23
C ALA A 45 17.42 -7.46 23.95
N SER A 46 18.58 -7.88 23.45
CA SER A 46 19.65 -6.94 23.11
C SER A 46 19.63 -6.54 21.62
N GLN A 47 18.59 -6.93 20.90
CA GLN A 47 18.51 -6.67 19.46
C GLN A 47 18.49 -5.18 19.14
N VAL A 48 19.48 -4.76 18.37
CA VAL A 48 19.51 -3.43 17.76
C VAL A 48 19.03 -3.60 16.32
N VAL A 49 18.18 -2.67 15.87
CA VAL A 49 17.70 -2.71 14.50
C VAL A 49 18.13 -1.45 13.75
N GLN A 50 18.20 -1.56 12.42
CA GLN A 50 18.57 -0.43 11.58
C GLN A 50 17.82 -0.47 10.25
N PHE A 51 16.53 -0.78 10.33
CA PHE A 51 15.65 -0.79 9.15
C PHE A 51 15.78 0.54 8.40
N GLN A 52 15.73 0.47 7.07
CA GLN A 52 15.83 1.67 6.25
C GLN A 52 14.48 2.18 5.77
N ASN A 53 13.50 1.28 5.72
CA ASN A 53 12.11 1.66 5.50
C ASN A 53 11.35 1.66 6.83
N GLY A 54 10.23 2.37 6.87
CA GLY A 54 9.48 2.53 8.10
C GLY A 54 10.19 3.39 9.14
N ARG A 55 10.95 4.37 8.66
CA ARG A 55 11.73 5.26 9.51
C ARG A 55 11.30 6.70 9.29
N CYS A 56 10.74 7.32 10.33
CA CYS A 56 10.25 8.69 10.25
C CYS A 56 10.24 9.29 11.65
N LEU A 57 10.78 10.49 11.78
CA LEU A 57 10.66 11.23 13.04
C LEU A 57 9.20 11.65 13.20
N ILE A 58 8.75 11.78 14.45
CA ILE A 58 7.31 12.02 14.67
C ILE A 58 6.86 13.44 14.33
N ASP A 59 7.80 14.31 13.99
CA ASP A 59 7.49 15.62 13.41
C ASP A 59 7.43 15.58 11.87
N GLY A 60 7.53 14.38 11.29
CA GLY A 60 7.36 14.19 9.85
C GLY A 60 8.61 14.16 8.97
N GLN A 61 9.77 14.02 9.58
CA GLN A 61 11.02 13.94 8.82
C GLN A 61 11.33 12.49 8.45
N LEU A 62 11.30 12.18 7.16
CA LEU A 62 11.60 10.82 6.67
C LEU A 62 13.09 10.49 6.79
N LEU A 63 13.39 9.23 7.06
CA LEU A 63 14.77 8.76 7.21
C LEU A 63 15.03 7.58 6.28
N GLY A 64 16.32 7.32 6.01
CA GLY A 64 16.72 6.17 5.21
C GLY A 64 16.17 6.21 3.79
N THR A 65 15.49 5.14 3.40
CA THR A 65 14.83 5.04 2.11
C THR A 65 13.31 5.13 2.24
N THR A 66 12.83 5.53 3.43
CA THR A 66 11.40 5.52 3.74
C THR A 66 10.57 6.46 2.84
N PRO A 67 9.57 5.91 2.14
CA PRO A 67 8.64 6.74 1.38
C PRO A 67 7.55 7.33 2.26
N ALA A 68 6.96 8.46 1.83
CA ALA A 68 5.88 9.09 2.58
C ALA A 68 4.62 8.24 2.60
N THR A 69 4.41 7.47 1.53
CA THR A 69 3.21 6.64 1.37
C THR A 69 3.57 5.23 0.90
N SER A 70 2.56 4.36 0.84
CA SER A 70 2.78 2.96 0.47
CA SER A 70 2.76 2.96 0.46
C SER A 70 2.97 2.77 -1.05
N GLY A 71 2.57 3.77 -1.83
CA GLY A 71 2.65 3.68 -3.30
C GLY A 71 4.05 3.43 -3.84
N GLN A 72 5.04 3.88 -3.09
CA GLN A 72 6.43 3.83 -3.47
C GLN A 72 7.17 2.69 -2.75
N LEU A 73 6.51 2.12 -1.75
CA LEU A 73 7.14 1.17 -0.83
C LEU A 73 7.35 -0.22 -1.44
N PHE A 74 8.58 -0.73 -1.30
CA PHE A 74 8.92 -2.13 -1.63
C PHE A 74 8.87 -2.37 -3.13
N ARG A 75 9.27 -1.36 -3.90
CA ARG A 75 9.34 -1.50 -5.36
C ARG A 75 10.78 -1.36 -5.79
N VAL A 76 11.10 -1.98 -6.92
CA VAL A 76 12.41 -1.87 -7.54
C VAL A 76 12.20 -1.51 -9.01
N ARG A 77 13.00 -0.55 -9.48
CA ARG A 77 12.98 -0.16 -10.89
C ARG A 77 14.40 0.10 -11.37
N GLY A 78 14.67 -0.24 -12.62
CA GLY A 78 15.99 0.01 -13.18
C GLY A 78 16.07 -0.38 -14.63
N LYS A 79 17.24 -0.15 -15.22
CA LYS A 79 17.49 -0.52 -16.60
C LYS A 79 18.41 -1.72 -16.63
N ILE A 80 18.11 -2.67 -17.52
CA ILE A 80 19.00 -3.81 -17.73
C ILE A 80 19.18 -4.11 -19.22
N ASN A 81 20.41 -4.43 -19.61
CA ASN A 81 20.70 -4.83 -20.98
C ASN A 81 20.46 -6.33 -21.15
N GLN A 82 19.94 -6.71 -22.31
CA GLN A 82 19.82 -8.13 -22.68
C GLN A 82 21.18 -8.82 -22.59
N GLY A 83 21.21 -9.97 -21.94
CA GLY A 83 22.44 -10.75 -21.79
C GLY A 83 23.29 -10.34 -20.60
N ALA A 84 22.84 -9.33 -19.85
CA ALA A 84 23.56 -8.87 -18.67
C ALA A 84 22.97 -9.43 -17.37
N ARG A 85 23.60 -9.13 -16.25
CA ARG A 85 23.10 -9.53 -14.94
C ARG A 85 22.86 -8.32 -14.03
N THR A 86 23.17 -7.13 -14.56
CA THR A 86 23.16 -5.91 -13.76
C THR A 86 21.92 -5.06 -14.01
N LEU A 87 21.17 -4.81 -12.94
CA LEU A 87 20.07 -3.88 -12.95
C LEU A 87 20.56 -2.53 -12.45
N ASN A 88 20.54 -1.53 -13.33
CA ASN A 88 20.97 -0.18 -13.00
C ASN A 88 19.77 0.61 -12.49
N LEU A 89 19.77 0.82 -11.17
CA LEU A 89 18.60 1.31 -10.45
C LEU A 89 18.23 2.75 -10.77
N THR A 90 16.92 3.00 -10.81
CA THR A 90 16.39 4.36 -10.81
C THR A 90 15.40 4.48 -9.65
N GLU A 91 14.87 5.68 -9.43
CA GLU A 91 13.74 5.83 -8.52
C GLU A 91 12.52 5.13 -9.12
N VAL A 92 11.51 4.87 -8.29
CA VAL A 92 10.32 4.14 -8.71
C VAL A 92 9.56 4.84 -9.85
N ASP A 93 9.64 6.16 -9.91
CA ASP A 93 9.00 6.94 -10.99
C ASP A 93 9.82 7.04 -12.28
N GLY A 94 10.99 6.39 -12.30
CA GLY A 94 11.84 6.37 -13.48
C GLY A 94 12.94 7.41 -13.50
N LYS A 95 12.88 8.37 -12.58
CA LYS A 95 13.90 9.43 -12.50
C LYS A 95 15.22 8.88 -11.95
N PRO A 96 16.35 9.54 -12.28
CA PRO A 96 17.64 8.99 -11.84
C PRO A 96 17.77 8.87 -10.33
N PHE A 97 18.42 7.81 -9.89
CA PHE A 97 18.78 7.66 -8.49
C PHE A 97 20.09 8.38 -8.25
N MET A 98 20.03 9.41 -7.40
CA MET A 98 21.23 10.15 -7.04
C MET A 98 21.98 9.36 -5.96
N ALA A 99 22.93 8.54 -6.42
CA ALA A 99 23.78 7.75 -5.54
C ALA A 99 24.65 8.64 -4.65
N PHE A 100 25.25 8.06 -3.62
CA PHE A 100 26.08 8.78 -2.65
C PHE A 100 25.26 9.75 -1.78
N ASP A 101 23.99 9.90 -2.14
CA ASP A 101 23.05 10.77 -1.42
C ASP A 101 22.19 9.96 -0.46
N SER A 102 21.98 8.69 -0.79
CA SER A 102 21.08 7.80 -0.05
C SER A 102 21.60 6.36 -0.15
N PRO A 103 21.14 5.46 0.74
CA PRO A 103 21.60 4.07 0.66
C PRO A 103 21.08 3.36 -0.58
N ALA A 104 19.90 3.79 -1.05
CA ALA A 104 19.20 3.16 -2.17
C ALA A 104 18.05 4.06 -2.62
N PRO A 105 17.44 3.76 -3.78
CA PRO A 105 16.23 4.51 -4.17
C PRO A 105 15.14 4.47 -3.09
N VAL A 106 14.31 5.50 -3.07
CA VAL A 106 13.21 5.57 -2.10
C VAL A 106 12.33 4.34 -2.30
N GLY A 107 12.00 3.68 -1.18
CA GLY A 107 11.12 2.51 -1.20
C GLY A 107 11.81 1.19 -1.49
N PHE A 108 13.09 1.25 -1.85
CA PHE A 108 13.86 0.03 -2.14
C PHE A 108 13.82 -0.94 -0.94
N PRO A 109 13.62 -2.25 -1.21
CA PRO A 109 13.52 -3.20 -0.08
C PRO A 109 14.74 -3.24 0.84
N ASP A 110 14.48 -3.41 2.13
CA ASP A 110 15.54 -3.48 3.14
C ASP A 110 15.61 -4.84 3.85
N PHE A 111 15.21 -5.89 3.13
CA PHE A 111 15.22 -7.26 3.66
C PHE A 111 16.64 -7.83 3.60
N GLY A 112 17.31 -7.87 4.75
CA GLY A 112 18.64 -8.47 4.83
C GLY A 112 18.57 -9.97 5.10
N LYS A 113 19.71 -10.63 5.00
CA LYS A 113 19.86 -12.05 5.37
C LYS A 113 18.77 -12.96 4.76
N CYS A 114 18.61 -12.83 3.45
CA CYS A 114 17.73 -13.70 2.67
C CYS A 114 18.03 -13.55 1.18
N ASP A 115 17.62 -14.55 0.40
CA ASP A 115 17.62 -14.44 -1.05
C ASP A 115 16.28 -13.85 -1.50
N TRP A 116 16.34 -12.97 -2.48
CA TRP A 116 15.16 -12.32 -3.02
C TRP A 116 14.73 -12.99 -4.31
N HIS A 117 13.45 -13.36 -4.38
CA HIS A 117 12.89 -13.90 -5.60
C HIS A 117 11.88 -12.90 -6.14
N MET A 118 12.30 -12.20 -7.19
CA MET A 118 11.60 -11.03 -7.70
C MET A 118 10.79 -11.32 -8.95
N ARG A 119 9.77 -10.50 -9.17
CA ARG A 119 8.98 -10.51 -10.40
C ARG A 119 9.02 -9.10 -10.96
N ILE A 120 9.46 -8.99 -12.20
CA ILE A 120 9.60 -7.69 -12.88
C ILE A 120 9.00 -7.77 -14.28
N SER A 121 8.67 -6.61 -14.84
CA SER A 121 8.17 -6.53 -16.22
C SER A 121 8.66 -5.26 -16.88
N LYS A 122 8.77 -5.31 -18.21
CA LYS A 122 9.18 -4.16 -19.00
C LYS A 122 8.07 -3.11 -19.02
N THR A 123 8.45 -1.85 -18.80
CA THR A 123 7.49 -0.77 -18.75
C THR A 123 7.90 0.36 -19.70
N PRO A 124 6.92 1.00 -20.39
CA PRO A 124 5.47 0.73 -20.37
C PRO A 124 5.10 -0.44 -21.29
N ASN A 125 3.90 -0.97 -21.13
CA ASN A 125 3.42 -1.97 -22.07
C ASN A 125 3.35 -1.42 -23.50
N ASN A 126 3.93 -2.20 -24.41
CA ASN A 126 3.85 -1.92 -25.84
CA ASN A 126 3.86 -1.92 -25.84
C ASN A 126 3.45 -3.17 -26.63
N THR A 127 2.68 -4.04 -25.98
CA THR A 127 2.26 -5.31 -26.57
C THR A 127 0.74 -5.48 -26.59
N SER A 128 0.26 -6.34 -27.48
CA SER A 128 -1.15 -6.67 -27.58
C SER A 128 -1.47 -8.09 -27.10
N SER A 129 -0.42 -8.82 -26.74
CA SER A 129 -0.57 -10.14 -26.13
C SER A 129 0.72 -10.55 -25.42
N GLY A 130 0.62 -11.54 -24.55
CA GLY A 130 1.80 -12.12 -23.92
C GLY A 130 1.95 -11.80 -22.45
N ASP A 131 2.46 -12.79 -21.72
CA ASP A 131 2.78 -12.64 -20.30
C ASP A 131 4.09 -11.85 -20.17
N PRO A 132 4.03 -10.64 -19.58
CA PRO A 132 5.22 -9.79 -19.48
C PRO A 132 6.11 -10.06 -18.25
N MET A 133 5.67 -10.97 -17.38
CA MET A 133 6.35 -11.16 -16.10
C MET A 133 7.62 -11.99 -16.21
N ARG A 134 8.67 -11.54 -15.53
CA ARG A 134 9.95 -12.22 -15.54
C ARG A 134 10.40 -12.50 -14.11
N SER A 135 10.85 -13.72 -13.85
CA SER A 135 11.39 -14.09 -12.55
C SER A 135 12.91 -13.92 -12.55
N VAL A 136 13.40 -13.21 -11.55
CA VAL A 136 14.84 -13.07 -11.34
C VAL A 136 15.13 -13.25 -9.85
N SER A 137 16.36 -13.64 -9.53
CA SER A 137 16.76 -13.85 -8.15
C SER A 137 17.94 -12.98 -7.80
N VAL A 138 17.95 -12.50 -6.56
CA VAL A 138 18.98 -11.58 -6.08
C VAL A 138 19.50 -12.04 -4.73
N GLN A 139 20.82 -12.22 -4.64
CA GLN A 139 21.47 -12.45 -3.36
C GLN A 139 22.00 -11.13 -2.85
N THR A 140 21.93 -10.92 -1.53
CA THR A 140 22.18 -9.60 -0.94
C THR A 140 23.54 -9.46 -0.25
N ASN A 141 24.28 -10.56 -0.15
CA ASN A 141 25.60 -10.54 0.50
C ASN A 141 26.75 -10.80 -0.48
N VAL A 142 26.44 -10.69 -1.77
CA VAL A 142 27.44 -10.87 -2.83
C VAL A 142 28.00 -9.51 -3.26
N GLN A 143 29.16 -9.50 -3.91
CA GLN A 143 29.80 -8.24 -4.30
C GLN A 143 28.99 -7.38 -5.28
N GLY A 144 28.11 -8.02 -6.06
CA GLY A 144 27.26 -7.31 -7.01
C GLY A 144 26.03 -6.61 -6.41
N PHE A 145 25.76 -6.87 -5.13
CA PHE A 145 24.66 -6.18 -4.45
C PHE A 145 25.16 -4.84 -3.91
N VAL A 146 25.07 -3.82 -4.74
CA VAL A 146 25.58 -2.48 -4.41
C VAL A 146 24.57 -1.37 -4.72
N PRO A 147 23.37 -1.43 -4.10
CA PRO A 147 22.35 -0.43 -4.43
C PRO A 147 22.79 1.02 -4.18
N HIS A 148 23.64 1.23 -3.17
CA HIS A 148 24.19 2.55 -2.88
C HIS A 148 25.00 3.09 -4.07
N LEU A 149 25.63 2.17 -4.80
CA LEU A 149 26.43 2.51 -5.98
C LEU A 149 25.57 2.50 -7.24
N GLY A 150 24.30 2.17 -7.10
CA GLY A 150 23.34 2.29 -8.18
C GLY A 150 22.96 1.01 -8.91
N SER A 151 23.38 -0.14 -8.39
CA SER A 151 23.06 -1.40 -9.08
C SER A 151 22.95 -2.64 -8.19
N ILE A 152 22.17 -3.61 -8.65
CA ILE A 152 22.13 -4.94 -8.06
C ILE A 152 22.33 -5.99 -9.15
N GLN A 153 22.74 -7.19 -8.74
CA GLN A 153 23.06 -8.25 -9.70
C GLN A 153 22.10 -9.42 -9.57
N PHE A 154 21.58 -9.89 -10.71
CA PHE A 154 20.75 -11.07 -10.75
C PHE A 154 21.62 -12.34 -10.72
N ASP A 155 21.05 -13.45 -10.26
CA ASP A 155 21.77 -14.73 -10.20
C ASP A 155 22.09 -15.27 -11.59
N GLU A 156 21.20 -15.03 -12.54
CA GLU A 156 21.35 -15.55 -13.90
C GLU A 156 21.35 -14.44 -14.94
N VAL A 157 21.99 -14.72 -16.07
CA VAL A 157 21.96 -13.83 -17.23
C VAL A 157 20.51 -13.54 -17.60
N PHE A 158 20.22 -12.27 -17.89
CA PHE A 158 18.87 -11.83 -18.22
C PHE A 158 18.67 -11.85 -19.73
N ASN A 159 18.13 -12.96 -20.23
CA ASN A 159 17.90 -13.15 -21.66
C ASN A 159 16.52 -12.67 -22.11
N HIS A 160 16.26 -11.39 -21.88
CA HIS A 160 15.03 -10.73 -22.28
C HIS A 160 15.38 -9.33 -22.77
N PRO A 161 14.47 -8.68 -23.52
CA PRO A 161 14.79 -7.40 -24.16
C PRO A 161 15.34 -6.34 -23.21
N THR A 162 16.36 -5.63 -23.68
CA THR A 162 16.89 -4.45 -23.00
C THR A 162 15.76 -3.47 -22.72
N GLY A 163 15.73 -2.93 -21.50
CA GLY A 163 14.75 -1.91 -21.20
C GLY A 163 14.63 -1.51 -19.75
N ASP A 164 13.54 -0.80 -19.49
CA ASP A 164 13.17 -0.24 -18.19
C ASP A 164 12.24 -1.25 -17.52
N TYR A 165 12.69 -1.84 -16.40
CA TYR A 165 11.93 -2.87 -15.71
C TYR A 165 11.49 -2.43 -14.32
N ILE A 166 10.26 -2.79 -13.97
CA ILE A 166 9.71 -2.47 -12.65
C ILE A 166 9.14 -3.73 -12.03
N GLY A 167 9.27 -3.85 -10.71
CA GLY A 167 8.67 -4.96 -10.00
C GLY A 167 8.96 -4.94 -8.52
N THR A 168 8.98 -6.12 -7.92
CA THR A 168 9.12 -6.21 -6.47
C THR A 168 9.63 -7.60 -6.09
N ILE A 169 9.93 -7.79 -4.81
CA ILE A 169 10.20 -9.13 -4.29
C ILE A 169 8.87 -9.83 -4.09
N GLU A 170 8.74 -11.02 -4.67
CA GLU A 170 7.53 -11.82 -4.53
C GLU A 170 7.58 -12.78 -3.34
N TRP A 171 8.73 -13.44 -3.17
CA TRP A 171 8.95 -14.34 -2.05
C TRP A 171 10.43 -14.36 -1.68
N ILE A 172 10.73 -14.75 -0.45
CA ILE A 172 12.11 -14.82 0.01
C ILE A 172 12.43 -16.24 0.47
N SER A 173 13.72 -16.57 0.48
CA SER A 173 14.17 -17.84 1.03
C SER A 173 15.49 -17.64 1.76
N GLN A 174 15.98 -18.71 2.38
CA GLN A 174 17.23 -18.65 3.14
C GLN A 174 18.36 -18.11 2.26
N PRO A 175 19.29 -17.35 2.87
CA PRO A 175 20.41 -16.87 2.07
C PRO A 175 21.23 -18.05 1.53
N SER A 176 21.72 -17.92 0.30
CA SER A 176 22.49 -18.99 -0.33
C SER A 176 23.81 -19.24 0.41
N THR A 177 24.41 -18.14 0.89
CA THR A 177 25.65 -18.20 1.65
C THR A 177 25.55 -17.31 2.89
N PRO A 178 26.16 -17.74 4.02
CA PRO A 178 26.80 -19.03 4.23
C PRO A 178 25.76 -20.16 4.19
N PRO A 179 26.12 -21.30 3.56
CA PRO A 179 25.14 -22.36 3.34
C PRO A 179 24.54 -22.87 4.65
N GLY A 180 23.22 -22.96 4.70
CA GLY A 180 22.53 -23.50 5.86
C GLY A 180 21.99 -22.46 6.82
N THR A 181 22.44 -21.22 6.67
CA THR A 181 21.97 -20.15 7.57
C THR A 181 20.53 -19.78 7.23
N ASP A 182 19.85 -19.21 8.21
CA ASP A 182 18.43 -18.94 8.12
C ASP A 182 18.17 -17.51 7.70
N ILE A 183 16.93 -17.26 7.28
CA ILE A 183 16.46 -15.89 7.07
C ILE A 183 16.50 -15.16 8.41
N ASN A 184 16.99 -13.92 8.39
CA ASN A 184 16.97 -13.07 9.58
C ASN A 184 16.51 -11.68 9.21
N LEU A 185 15.19 -11.45 9.33
CA LEU A 185 14.57 -10.20 8.91
C LEU A 185 14.78 -9.06 9.90
N TRP A 186 15.50 -9.33 10.98
CA TRP A 186 15.92 -8.29 11.92
C TRP A 186 17.06 -7.47 11.35
N GLU A 187 17.69 -7.99 10.31
CA GLU A 187 18.86 -7.37 9.72
C GLU A 187 18.57 -6.72 8.37
N ILE A 188 19.35 -5.70 8.04
CA ILE A 188 19.29 -5.08 6.73
C ILE A 188 20.48 -5.57 5.89
N PRO A 189 20.39 -5.42 4.56
CA PRO A 189 21.53 -5.82 3.74
C PRO A 189 22.67 -4.81 3.82
N ASP A 190 23.84 -5.19 3.31
CA ASP A 190 24.93 -4.26 3.10
C ASP A 190 24.68 -3.56 1.77
N TYR A 191 24.42 -2.25 1.85
CA TYR A 191 24.04 -1.46 0.67
C TYR A 191 25.23 -1.05 -0.19
N GLY A 192 26.41 -0.98 0.41
CA GLY A 192 27.60 -0.50 -0.27
C GLY A 192 28.58 -1.61 -0.56
N SER A 193 29.83 -1.24 -0.80
CA SER A 193 30.91 -2.19 -1.04
C SER A 193 31.94 -2.10 0.08
N SER A 194 32.99 -2.94 -0.01
CA SER A 194 34.09 -2.91 0.96
C SER A 194 34.91 -1.62 0.88
N LEU A 195 34.96 -1.03 -0.31
CA LEU A 195 35.69 0.23 -0.54
C LEU A 195 34.79 1.46 -0.46
N SER A 196 33.47 1.24 -0.41
CA SER A 196 32.50 2.34 -0.36
C SER A 196 31.32 2.00 0.54
N GLN A 197 31.28 2.63 1.72
CA GLN A 197 30.17 2.45 2.66
C GLN A 197 28.93 3.21 2.20
N ALA A 198 27.76 2.78 2.67
CA ALA A 198 26.49 3.41 2.34
C ALA A 198 26.31 4.72 3.11
N ALA A 199 26.06 5.80 2.36
CA ALA A 199 25.87 7.13 2.95
C ALA A 199 24.40 7.39 3.29
N ASN A 200 24.18 8.14 4.36
CA ASN A 200 22.84 8.57 4.79
C ASN A 200 21.90 7.43 5.19
N LEU A 201 22.48 6.35 5.73
CA LEU A 201 21.67 5.28 6.33
C LEU A 201 20.89 5.86 7.50
N ALA A 202 19.63 5.46 7.63
CA ALA A 202 18.89 5.74 8.86
C ALA A 202 19.68 5.12 10.01
N PRO A 203 19.79 5.83 11.14
CA PRO A 203 20.61 5.36 12.25
C PRO A 203 20.02 4.14 12.95
N PRO A 204 20.83 3.40 13.72
CA PRO A 204 20.28 2.27 14.46
C PRO A 204 19.31 2.70 15.57
N VAL A 205 18.45 1.78 15.96
CA VAL A 205 17.53 1.99 17.08
C VAL A 205 17.89 0.98 18.16
N PHE A 206 18.18 1.49 19.36
CA PHE A 206 18.71 0.66 20.42
C PHE A 206 17.66 0.36 21.47
N PRO A 207 17.71 -0.84 22.07
CA PRO A 207 16.86 -1.13 23.22
C PRO A 207 17.05 -0.05 24.29
N PRO A 208 15.95 0.50 24.81
CA PRO A 208 15.97 1.61 25.77
C PRO A 208 16.47 1.20 27.16
N GLY A 209 16.25 -0.07 27.52
CA GLY A 209 16.61 -0.58 28.83
C GLY A 209 15.75 -0.01 29.94
N PHE A 210 16.20 -0.20 31.17
CA PHE A 210 15.48 0.26 32.37
C PHE A 210 14.03 -0.20 32.37
N GLY A 211 13.81 -1.44 31.94
CA GLY A 211 12.48 -2.04 31.95
C GLY A 211 11.73 -1.92 30.64
N GLU A 212 12.13 -0.98 29.79
CA GLU A 212 11.43 -0.76 28.51
C GLU A 212 12.02 -1.62 27.40
N ALA A 213 11.16 -2.04 26.47
CA ALA A 213 11.58 -2.85 25.33
C ALA A 213 10.92 -2.30 24.08
N LEU A 214 11.60 -2.43 22.95
CA LEU A 214 11.07 -1.98 21.66
C LEU A 214 9.90 -2.85 21.19
N VAL A 215 8.92 -2.20 20.57
CA VAL A 215 7.74 -2.87 20.04
C VAL A 215 7.83 -2.93 18.52
N TYR A 216 7.60 -4.13 17.97
CA TYR A 216 7.63 -4.32 16.53
C TYR A 216 6.29 -4.79 16.00
N PHE A 217 5.91 -4.26 14.85
CA PHE A 217 4.70 -4.67 14.15
C PHE A 217 5.10 -5.65 13.07
N VAL A 218 4.44 -6.81 13.04
CA VAL A 218 4.83 -7.89 12.13
C VAL A 218 3.74 -8.25 11.13
N SER A 219 4.18 -8.64 9.93
CA SER A 219 3.33 -9.16 8.87
C SER A 219 4.09 -10.29 8.19
N ALA A 220 3.39 -11.37 7.85
CA ALA A 220 4.00 -12.52 7.19
C ALA A 220 4.29 -12.25 5.73
N PHE A 221 5.50 -12.62 5.29
CA PHE A 221 5.91 -12.47 3.90
C PHE A 221 6.17 -13.86 3.29
N PRO A 222 5.73 -14.08 2.03
CA PRO A 222 5.83 -15.44 1.48
C PRO A 222 7.25 -16.02 1.40
N GLY A 223 7.35 -17.31 1.66
CA GLY A 223 8.59 -18.06 1.49
C GLY A 223 8.89 -18.98 2.65
N PRO A 224 9.81 -19.92 2.43
CA PRO A 224 10.22 -20.87 3.47
C PRO A 224 11.24 -20.26 4.44
N ASN A 225 11.57 -21.01 5.49
CA ASN A 225 12.74 -20.72 6.32
C ASN A 225 13.11 -21.99 7.09
N ASN A 226 14.23 -21.97 7.81
CA ASN A 226 14.70 -23.18 8.50
C ASN A 226 13.75 -23.69 9.59
N ARG A 227 12.87 -22.81 10.07
CA ARG A 227 11.96 -23.13 11.15
C ARG A 227 10.57 -23.61 10.69
N SER A 228 10.36 -23.67 9.37
CA SER A 228 9.04 -24.00 8.80
C SER A 228 7.93 -23.14 9.44
N ALA A 229 8.19 -21.85 9.52
CA ALA A 229 7.29 -20.90 10.16
C ALA A 229 7.09 -19.71 9.24
N PRO A 230 6.09 -18.86 9.52
CA PRO A 230 5.96 -17.68 8.66
C PRO A 230 7.18 -16.75 8.75
N ASN A 231 7.55 -16.15 7.63
CA ASN A 231 8.55 -15.09 7.60
C ASN A 231 7.93 -13.80 8.09
N ASP A 232 7.99 -13.56 9.40
CA ASP A 232 7.39 -12.37 9.98
C ASP A 232 8.34 -11.19 9.85
N VAL A 233 7.86 -10.14 9.18
CA VAL A 233 8.67 -8.95 8.93
C VAL A 233 8.37 -7.90 9.99
N PRO A 234 9.35 -7.59 10.86
CA PRO A 234 9.14 -6.58 11.89
C PRO A 234 9.39 -5.16 11.39
N CYS A 235 8.54 -4.22 11.78
CA CYS A 235 8.80 -2.81 11.48
C CYS A 235 8.51 -1.98 12.73
N LEU A 236 8.98 -0.74 12.71
CA LEU A 236 8.88 0.13 13.90
C LEU A 236 7.59 0.94 13.98
N LEU A 237 7.01 1.25 12.83
CA LEU A 237 5.85 2.13 12.77
C LEU A 237 4.89 1.68 11.67
N PRO A 238 3.56 1.76 11.92
CA PRO A 238 2.63 1.52 10.81
C PRO A 238 2.84 2.58 9.72
N GLN A 239 2.69 2.19 8.46
CA GLN A 239 2.90 3.16 7.38
C GLN A 239 1.97 4.39 7.50
N GLU A 240 0.74 4.16 7.97
CA GLU A 240 -0.22 5.24 8.14
C GLU A 240 0.25 6.30 9.15
N TYR A 241 1.03 5.86 10.14
CA TYR A 241 1.65 6.80 11.08
C TYR A 241 2.62 7.70 10.34
N ILE A 242 3.45 7.10 9.49
CA ILE A 242 4.44 7.84 8.72
C ILE A 242 3.77 8.87 7.81
N THR A 243 2.75 8.44 7.07
CA THR A 243 2.02 9.35 6.17
C THR A 243 1.38 10.48 6.97
N HIS A 244 0.78 10.14 8.10
CA HIS A 244 0.18 11.12 8.99
C HIS A 244 1.19 12.18 9.43
N PHE A 245 2.36 11.74 9.87
CA PHE A 245 3.38 12.68 10.38
C PHE A 245 3.93 13.55 9.27
N VAL A 246 4.12 12.98 8.09
CA VAL A 246 4.60 13.74 6.94
C VAL A 246 3.60 14.85 6.58
N SER A 247 2.30 14.52 6.60
CA SER A 247 1.25 15.48 6.32
C SER A 247 1.08 16.55 7.40
N GLU A 248 1.08 16.11 8.67
CA GLU A 248 0.80 17.01 9.79
C GLU A 248 1.98 17.90 10.18
N GLN A 249 3.17 17.32 10.18
CA GLN A 249 4.39 18.03 10.64
C GLN A 249 4.16 18.76 11.96
N ALA A 250 3.51 18.07 12.90
CA ALA A 250 3.25 18.63 14.22
C ALA A 250 4.57 18.71 14.99
N PRO A 251 4.85 19.87 15.61
CA PRO A 251 6.09 19.99 16.41
C PRO A 251 6.12 19.03 17.59
N THR A 252 7.29 18.46 17.83
CA THR A 252 7.51 17.58 18.97
C THR A 252 7.66 18.43 20.23
N MET A 253 6.76 18.23 21.19
CA MET A 253 6.64 19.11 22.36
C MET A 253 7.16 18.51 23.67
N GLY A 254 7.66 17.28 23.58
CA GLY A 254 8.19 16.59 24.76
C GLY A 254 9.13 15.47 24.37
N ASP A 255 9.68 14.80 25.37
CA ASP A 255 10.65 13.71 25.16
C ASP A 255 10.00 12.50 24.49
N ALA A 256 8.73 12.27 24.78
CA ALA A 256 8.02 11.10 24.28
C ALA A 256 6.52 11.36 24.30
N ALA A 257 5.82 10.68 23.41
CA ALA A 257 4.36 10.74 23.37
C ALA A 257 3.80 9.50 24.06
N LEU A 258 3.10 9.70 25.17
CA LEU A 258 2.45 8.60 25.87
C LEU A 258 1.20 8.19 25.09
N LEU A 259 1.14 6.91 24.72
CA LEU A 259 -0.02 6.35 24.05
C LEU A 259 -0.71 5.31 24.91
N HIS A 260 -2.04 5.26 24.82
CA HIS A 260 -2.79 4.16 25.39
C HIS A 260 -3.36 3.34 24.24
N TYR A 261 -3.20 2.02 24.33
CA TYR A 261 -3.76 1.10 23.36
C TYR A 261 -5.13 0.73 23.88
N VAL A 262 -6.17 1.34 23.31
CA VAL A 262 -7.51 1.30 23.90
C VAL A 262 -8.42 0.32 23.17
N ASP A 263 -9.14 -0.48 23.95
CA ASP A 263 -10.15 -1.41 23.45
C ASP A 263 -11.36 -0.61 22.95
N PRO A 264 -11.68 -0.71 21.64
CA PRO A 264 -12.78 0.09 21.10
C PRO A 264 -14.16 -0.32 21.62
N ASP A 265 -14.26 -1.53 22.17
CA ASP A 265 -15.55 -2.00 22.70
C ASP A 265 -15.82 -1.46 24.10
N THR A 266 -14.79 -1.45 24.94
CA THR A 266 -14.97 -1.08 26.35
C THR A 266 -14.39 0.28 26.73
N ASN A 267 -13.57 0.85 25.86
CA ASN A 267 -12.84 2.09 26.12
C ASN A 267 -11.79 1.96 27.23
N ARG A 268 -11.48 0.72 27.58
CA ARG A 268 -10.48 0.42 28.61
C ARG A 268 -9.08 0.44 27.99
N ASN A 269 -8.13 0.96 28.76
CA ASN A 269 -6.73 0.93 28.38
C ASN A 269 -6.16 -0.48 28.51
N LEU A 270 -5.66 -1.02 27.40
CA LEU A 270 -5.09 -2.37 27.35
C LEU A 270 -3.58 -2.36 27.54
N GLY A 271 -2.96 -1.20 27.33
CA GLY A 271 -1.52 -1.09 27.48
C GLY A 271 -0.98 0.32 27.28
N GLU A 272 0.03 0.68 28.07
CA GLU A 272 0.71 1.96 27.96
C GLU A 272 1.98 1.80 27.14
N PHE A 273 2.19 2.72 26.21
CA PHE A 273 3.36 2.71 25.33
C PHE A 273 3.93 4.11 25.26
N LYS A 274 5.24 4.20 25.01
CA LYS A 274 5.85 5.50 24.70
C LYS A 274 6.31 5.53 23.26
N LEU A 275 5.85 6.54 22.54
CA LEU A 275 6.31 6.79 21.18
C LEU A 275 7.40 7.85 21.25
N TYR A 276 8.62 7.44 20.96
CA TYR A 276 9.75 8.34 21.01
C TYR A 276 9.88 9.13 19.72
N PRO A 277 10.46 10.34 19.78
CA PRO A 277 10.53 11.22 18.61
C PRO A 277 11.27 10.61 17.42
N GLY A 278 12.19 9.69 17.70
CA GLY A 278 12.94 8.98 16.67
C GLY A 278 12.08 8.03 15.82
N GLY A 279 10.84 7.83 16.23
CA GLY A 279 9.87 7.08 15.43
C GLY A 279 9.80 5.61 15.78
N TYR A 280 9.72 5.31 17.08
CA TYR A 280 9.58 3.94 17.55
C TYR A 280 8.82 3.93 18.88
N LEU A 281 8.24 2.78 19.18
CA LEU A 281 7.42 2.60 20.38
C LEU A 281 8.11 1.66 21.35
N THR A 282 7.94 1.93 22.65
CA THR A 282 8.39 0.99 23.68
C THR A 282 7.23 0.65 24.61
N CYS A 283 7.39 -0.44 25.36
CA CYS A 283 6.48 -0.82 26.43
C CYS A 283 7.32 -1.43 27.55
N VAL A 284 6.69 -1.72 28.68
CA VAL A 284 7.35 -2.45 29.77
C VAL A 284 6.67 -3.81 29.91
N PRO A 285 7.35 -4.89 29.47
CA PRO A 285 6.78 -6.24 29.58
C PRO A 285 6.55 -6.63 31.05
N ASN A 286 5.37 -7.16 31.36
CA ASN A 286 5.00 -7.51 32.73
C ASN A 286 5.54 -8.89 33.15
N GLY A 287 6.87 -9.03 33.08
CA GLY A 287 7.53 -10.27 33.45
C GLY A 287 7.94 -11.10 32.25
N VAL A 288 8.60 -12.23 32.52
CA VAL A 288 9.08 -13.12 31.48
C VAL A 288 7.93 -13.79 30.71
N GLY A 289 7.95 -13.63 29.39
CA GLY A 289 6.91 -14.18 28.52
C GLY A 289 5.78 -13.19 28.25
N ALA A 290 5.66 -12.16 29.09
CA ALA A 290 4.63 -11.14 28.92
C ALA A 290 5.02 -10.15 27.83
N GLY A 291 4.01 -9.52 27.22
CA GLY A 291 4.29 -8.50 26.22
C GLY A 291 3.09 -8.15 25.36
N PRO A 292 3.30 -7.25 24.38
CA PRO A 292 2.21 -6.76 23.55
C PRO A 292 1.63 -7.82 22.61
N GLN A 293 2.33 -8.93 22.41
CA GLN A 293 1.81 -10.05 21.62
C GLN A 293 0.57 -10.68 22.25
N GLN A 294 0.36 -10.39 23.53
CA GLN A 294 -0.80 -10.90 24.27
C GLN A 294 -2.06 -10.05 24.10
N LEU A 295 -1.90 -8.86 23.51
CA LEU A 295 -3.01 -7.94 23.33
C LEU A 295 -3.80 -8.28 22.08
N PRO A 296 -5.12 -8.01 22.08
CA PRO A 296 -5.90 -8.19 20.85
C PRO A 296 -5.48 -7.17 19.81
N LEU A 297 -5.75 -7.44 18.55
CA LEU A 297 -5.25 -6.61 17.46
C LEU A 297 -6.24 -5.52 17.03
N ASN A 298 -7.40 -5.45 17.68
CA ASN A 298 -8.41 -4.46 17.30
C ASN A 298 -8.38 -3.18 18.12
N GLY A 299 -7.33 -3.02 18.93
CA GLY A 299 -7.18 -1.82 19.74
C GLY A 299 -6.74 -0.63 18.92
N VAL A 300 -6.93 0.57 19.47
CA VAL A 300 -6.53 1.81 18.82
C VAL A 300 -5.57 2.54 19.75
N PHE A 301 -4.38 2.88 19.23
CA PHE A 301 -3.46 3.74 19.97
C PHE A 301 -4.00 5.16 20.01
N LEU A 302 -4.13 5.70 21.22
CA LEU A 302 -4.57 7.08 21.42
C LEU A 302 -3.47 7.89 22.09
N PHE A 303 -3.24 9.09 21.57
CA PHE A 303 -2.30 10.02 22.17
C PHE A 303 -2.88 10.61 23.46
N VAL A 304 -2.17 10.43 24.57
CA VAL A 304 -2.62 10.88 25.88
C VAL A 304 -1.98 12.21 26.29
N SER A 305 -0.65 12.27 26.24
CA SER A 305 0.10 13.42 26.71
C SER A 305 1.55 13.30 26.28
N TRP A 306 2.22 14.45 26.15
CA TRP A 306 3.67 14.46 26.09
C TRP A 306 4.20 14.15 27.50
N VAL A 307 5.24 13.32 27.57
CA VAL A 307 5.85 12.95 28.84
C VAL A 307 7.37 12.98 28.75
N SER A 308 8.05 13.04 29.90
CA SER A 308 9.50 12.97 29.89
C SER A 308 9.95 11.54 29.57
N ARG A 309 11.18 11.39 29.10
CA ARG A 309 11.72 10.06 28.79
C ARG A 309 11.82 9.17 30.02
N PHE A 310 11.78 9.80 31.20
CA PHE A 310 11.89 9.08 32.46
C PHE A 310 10.54 8.58 32.99
N TYR A 311 9.45 8.96 32.31
CA TYR A 311 8.10 8.54 32.69
C TYR A 311 8.00 7.02 32.66
N GLN A 312 7.50 6.44 33.75
CA GLN A 312 7.42 4.98 33.86
C GLN A 312 6.06 4.47 33.39
N LEU A 313 6.10 3.45 32.55
CA LEU A 313 4.89 2.84 32.01
C LEU A 313 4.38 1.71 32.90
N LYS A 314 3.06 1.61 33.01
CA LYS A 314 2.44 0.46 33.62
C LYS A 314 2.81 -0.76 32.78
N PRO A 315 3.30 -1.83 33.44
CA PRO A 315 3.68 -3.04 32.71
C PRO A 315 2.53 -3.64 31.92
N VAL A 316 2.84 -4.17 30.73
CA VAL A 316 1.83 -4.68 29.82
C VAL A 316 1.88 -6.21 29.73
N GLY A 317 0.71 -6.83 29.66
CA GLY A 317 0.59 -8.27 29.49
C GLY A 317 0.59 -9.02 30.82
N THR A 318 0.78 -10.33 30.74
CA THR A 318 0.82 -11.20 31.92
C THR A 318 1.88 -12.28 31.73
N ALA A 319 2.68 -12.53 32.77
CA ALA A 319 3.79 -13.49 32.70
C ALA A 319 3.33 -14.91 32.40
N ARG B 15 -15.23 18.62 14.43
CA ARG B 15 -13.91 18.47 13.75
C ARG B 15 -13.89 19.18 12.40
N ALA B 16 -12.92 20.07 12.21
CA ALA B 16 -12.76 20.83 10.97
C ALA B 16 -12.26 19.94 9.83
N PHE B 17 -12.82 20.14 8.65
CA PHE B 17 -12.47 19.32 7.49
C PHE B 17 -11.12 19.72 6.89
N THR B 18 -10.32 18.71 6.57
CA THR B 18 -9.01 18.90 5.93
C THR B 18 -8.77 17.75 4.95
N VAL B 19 -7.87 17.97 4.00
CA VAL B 19 -7.33 16.89 3.17
C VAL B 19 -5.81 16.81 3.39
N PRO B 20 -5.21 15.63 3.16
CA PRO B 20 -3.77 15.43 3.41
C PRO B 20 -2.88 16.44 2.70
N ASN B 21 -1.86 16.91 3.41
CA ASN B 21 -0.92 17.89 2.90
C ASN B 21 0.28 17.18 2.27
N ILE B 22 0.02 16.46 1.18
CA ILE B 22 1.03 15.68 0.46
C ILE B 22 0.80 15.87 -1.05
N PRO B 23 1.88 16.11 -1.81
CA PRO B 23 1.76 16.30 -3.26
C PRO B 23 1.09 15.12 -3.95
N LEU B 24 0.31 15.41 -4.98
CA LEU B 24 -0.49 14.41 -5.67
C LEU B 24 0.34 13.23 -6.19
N GLN B 25 1.51 13.53 -6.76
CA GLN B 25 2.41 12.51 -7.31
C GLN B 25 2.93 11.51 -6.28
N THR B 26 2.76 11.84 -5.01
CA THR B 26 3.25 11.00 -3.90
C THR B 26 2.11 10.19 -3.30
N LEU B 27 0.89 10.52 -3.70
CA LEU B 27 -0.31 9.81 -3.23
C LEU B 27 -0.60 8.57 -4.07
N SER B 28 -1.50 7.73 -3.57
CA SER B 28 -1.73 6.40 -4.13
C SER B 28 -3.10 6.20 -4.78
N ASN B 29 -3.12 5.40 -5.83
CA ASN B 29 -4.37 4.93 -6.44
C ASN B 29 -5.18 4.15 -5.41
N SER B 30 -6.50 4.26 -5.48
CA SER B 30 -7.36 3.58 -4.52
C SER B 30 -8.03 2.33 -5.11
N ARG B 31 -7.66 1.97 -6.33
CA ARG B 31 -8.10 0.69 -6.89
C ARG B 31 -6.99 -0.38 -6.88
N PHE B 32 -5.73 0.05 -6.82
CA PHE B 32 -4.62 -0.86 -6.51
C PHE B 32 -3.46 -0.05 -5.97
N PRO B 33 -2.60 -0.66 -5.13
CA PRO B 33 -1.49 0.09 -4.55
C PRO B 33 -0.46 0.50 -5.60
N SER B 34 -0.40 1.78 -5.88
CA SER B 34 0.56 2.36 -6.81
C SER B 34 0.47 3.87 -6.68
N LEU B 35 1.56 4.55 -6.99
CA LEU B 35 1.52 6.00 -7.04
C LEU B 35 0.58 6.49 -8.14
N ILE B 36 -0.07 7.62 -7.88
CA ILE B 36 -0.87 8.32 -8.88
C ILE B 36 0.06 8.93 -9.92
N GLN B 37 -0.26 8.73 -11.20
CA GLN B 37 0.60 9.14 -12.30
C GLN B 37 -0.06 10.16 -13.22
N GLY B 38 -1.32 10.47 -12.94
CA GLY B 38 -2.07 11.41 -13.76
C GLY B 38 -3.40 11.77 -13.15
N MET B 39 -3.93 12.89 -13.62
CA MET B 39 -5.22 13.38 -13.17
C MET B 39 -5.96 13.78 -14.46
N ILE B 40 -7.07 13.12 -14.76
CA ILE B 40 -7.73 13.25 -16.06
C ILE B 40 -9.25 13.42 -15.98
N LEU B 41 -9.85 13.77 -17.12
CA LEU B 41 -11.28 13.64 -17.32
C LEU B 41 -11.52 12.33 -18.09
N SER B 42 -12.71 11.77 -17.98
CA SER B 42 -13.03 10.58 -18.75
C SER B 42 -13.06 10.91 -20.25
N PRO B 43 -12.43 10.05 -21.09
CA PRO B 43 -12.42 10.28 -22.54
C PRO B 43 -13.83 10.48 -23.11
N ASP B 44 -14.78 9.70 -22.60
CA ASP B 44 -16.18 9.89 -22.92
C ASP B 44 -16.78 10.79 -21.85
N ALA B 45 -17.27 11.96 -22.25
CA ALA B 45 -17.86 12.92 -21.33
C ALA B 45 -19.13 12.40 -20.64
N SER B 46 -19.72 11.34 -21.20
CA SER B 46 -20.95 10.76 -20.66
CA SER B 46 -20.95 10.75 -20.65
C SER B 46 -20.66 9.56 -19.75
N GLN B 47 -19.38 9.27 -19.52
CA GLN B 47 -18.97 8.11 -18.73
C GLN B 47 -19.55 8.11 -17.31
N VAL B 48 -20.31 7.05 -17.02
CA VAL B 48 -20.77 6.75 -15.68
C VAL B 48 -19.80 5.71 -15.10
N VAL B 49 -19.40 5.89 -13.85
CA VAL B 49 -18.55 4.90 -13.19
C VAL B 49 -19.23 4.32 -11.95
N GLN B 50 -18.83 3.12 -11.59
CA GLN B 50 -19.37 2.47 -10.41
C GLN B 50 -18.30 1.62 -9.73
N PHE B 51 -17.10 2.20 -9.59
CA PHE B 51 -16.00 1.53 -8.90
C PHE B 51 -16.46 1.09 -7.51
N GLN B 52 -15.97 -0.07 -7.08
CA GLN B 52 -16.29 -0.58 -5.75
C GLN B 52 -15.20 -0.28 -4.73
N ASN B 53 -13.98 -0.10 -5.23
CA ASN B 53 -12.88 0.37 -4.40
C ASN B 53 -12.66 1.86 -4.63
N GLY B 54 -12.02 2.52 -3.66
CA GLY B 54 -11.81 3.96 -3.74
C GLY B 54 -13.10 4.75 -3.57
N ARG B 55 -14.02 4.21 -2.78
CA ARG B 55 -15.33 4.80 -2.53
C ARG B 55 -15.50 5.11 -1.06
N CYS B 56 -15.58 6.39 -0.73
CA CYS B 56 -15.68 6.81 0.66
C CYS B 56 -16.37 8.16 0.72
N LEU B 57 -17.41 8.26 1.55
CA LEU B 57 -18.02 9.55 1.83
C LEU B 57 -17.01 10.39 2.58
N ILE B 58 -16.99 11.69 2.32
CA ILE B 58 -15.90 12.52 2.85
C ILE B 58 -15.96 12.72 4.39
N ASP B 59 -17.01 12.19 5.01
CA ASP B 59 -17.10 12.10 6.46
C ASP B 59 -16.53 10.79 7.03
N GLY B 60 -15.93 9.98 6.16
CA GLY B 60 -15.26 8.76 6.59
C GLY B 60 -16.05 7.47 6.52
N GLN B 61 -17.18 7.49 5.81
CA GLN B 61 -17.99 6.31 5.60
C GLN B 61 -17.57 5.54 4.34
N LEU B 62 -16.99 4.37 4.54
CA LEU B 62 -16.58 3.52 3.42
C LEU B 62 -17.77 2.91 2.69
N LEU B 63 -17.64 2.79 1.37
CA LEU B 63 -18.68 2.21 0.52
C LEU B 63 -18.15 1.05 -0.30
N GLY B 64 -19.05 0.20 -0.80
CA GLY B 64 -18.67 -0.91 -1.67
C GLY B 64 -17.77 -1.91 -0.98
N THR B 65 -16.58 -2.11 -1.54
CA THR B 65 -15.58 -3.02 -0.98
C THR B 65 -14.36 -2.24 -0.46
N THR B 66 -14.49 -0.92 -0.35
CA THR B 66 -13.36 -0.04 -0.10
C THR B 66 -12.73 -0.28 1.28
N PRO B 67 -11.41 -0.54 1.30
CA PRO B 67 -10.71 -0.64 2.58
C PRO B 67 -10.31 0.72 3.13
N ALA B 68 -10.13 0.80 4.44
CA ALA B 68 -9.69 2.04 5.06
C ALA B 68 -8.26 2.40 4.69
N THR B 69 -7.44 1.38 4.44
CA THR B 69 -6.02 1.57 4.15
C THR B 69 -5.56 0.69 2.98
N SER B 70 -4.34 0.93 2.51
CA SER B 70 -3.80 0.20 1.36
CA SER B 70 -3.80 0.20 1.36
C SER B 70 -3.42 -1.25 1.68
N GLY B 71 -3.27 -1.54 2.96
CA GLY B 71 -2.86 -2.89 3.40
C GLY B 71 -3.78 -4.00 2.95
N GLN B 72 -5.06 -3.65 2.83
CA GLN B 72 -6.13 -4.58 2.53
C GLN B 72 -6.52 -4.51 1.05
N LEU B 73 -6.04 -3.48 0.37
CA LEU B 73 -6.47 -3.17 -1.00
C LEU B 73 -5.89 -4.11 -2.06
N PHE B 74 -6.77 -4.61 -2.92
CA PHE B 74 -6.37 -5.36 -4.13
C PHE B 74 -5.76 -6.72 -3.78
N ARG B 75 -6.25 -7.33 -2.70
CA ARG B 75 -5.83 -8.67 -2.31
C ARG B 75 -7.00 -9.63 -2.42
N VAL B 76 -6.69 -10.90 -2.63
CA VAL B 76 -7.70 -11.96 -2.66
C VAL B 76 -7.22 -13.05 -1.72
N ARG B 77 -8.14 -13.57 -0.91
CA ARG B 77 -7.86 -14.68 -0.01
C ARG B 77 -9.02 -15.65 0.04
N GLY B 78 -8.72 -16.94 0.12
CA GLY B 78 -9.78 -17.94 0.22
C GLY B 78 -9.23 -19.34 0.41
N LYS B 79 -10.15 -20.29 0.57
CA LYS B 79 -9.79 -21.69 0.64
C LYS B 79 -10.01 -22.35 -0.70
N ILE B 80 -9.08 -23.21 -1.10
CA ILE B 80 -9.28 -24.02 -2.29
C ILE B 80 -8.80 -25.44 -2.05
N ASN B 81 -9.56 -26.39 -2.55
CA ASN B 81 -9.18 -27.80 -2.49
C ASN B 81 -8.37 -28.23 -3.68
N GLN B 82 -7.35 -29.04 -3.42
CA GLN B 82 -6.60 -29.73 -4.44
C GLN B 82 -7.55 -30.42 -5.43
N GLY B 83 -7.39 -30.12 -6.71
CA GLY B 83 -8.23 -30.70 -7.75
C GLY B 83 -9.53 -29.95 -8.03
N ALA B 84 -9.73 -28.81 -7.38
CA ALA B 84 -10.90 -27.98 -7.61
C ALA B 84 -10.54 -26.77 -8.47
N ARG B 85 -11.57 -26.06 -8.94
CA ARG B 85 -11.38 -24.81 -9.69
C ARG B 85 -11.86 -23.61 -8.90
N THR B 86 -12.44 -23.84 -7.73
CA THR B 86 -13.18 -22.80 -7.01
C THR B 86 -12.46 -22.32 -5.74
N LEU B 87 -12.22 -21.02 -5.67
CA LEU B 87 -11.67 -20.37 -4.49
C LEU B 87 -12.82 -19.82 -3.67
N ASN B 88 -12.96 -20.35 -2.46
CA ASN B 88 -14.03 -19.93 -1.56
C ASN B 88 -13.51 -18.82 -0.66
N LEU B 89 -13.98 -17.61 -0.95
CA LEU B 89 -13.38 -16.38 -0.43
C LEU B 89 -13.54 -16.17 1.06
N THR B 90 -12.52 -15.58 1.66
CA THR B 90 -12.62 -15.03 3.00
C THR B 90 -12.20 -13.56 2.93
N GLU B 91 -12.29 -12.86 4.06
CA GLU B 91 -11.67 -11.55 4.17
C GLU B 91 -10.15 -11.72 4.11
N VAL B 92 -9.43 -10.64 3.84
CA VAL B 92 -7.97 -10.69 3.67
C VAL B 92 -7.25 -11.18 4.94
N ASP B 93 -7.84 -10.89 6.10
CA ASP B 93 -7.26 -11.34 7.37
C ASP B 93 -7.66 -12.77 7.75
N GLY B 94 -8.43 -13.42 6.89
CA GLY B 94 -8.84 -14.81 7.10
C GLY B 94 -10.19 -14.98 7.76
N LYS B 95 -10.77 -13.89 8.24
CA LYS B 95 -12.11 -13.91 8.83
C LYS B 95 -13.15 -14.26 7.76
N PRO B 96 -14.24 -14.93 8.16
CA PRO B 96 -15.26 -15.35 7.20
C PRO B 96 -15.84 -14.18 6.41
N PHE B 97 -16.07 -14.40 5.12
CA PHE B 97 -16.76 -13.41 4.30
C PHE B 97 -18.26 -13.56 4.47
N MET B 98 -18.90 -12.52 5.01
CA MET B 98 -20.34 -12.50 5.19
C MET B 98 -21.01 -12.09 3.88
N ALA B 99 -21.42 -13.10 3.11
CA ALA B 99 -22.09 -12.90 1.82
C ALA B 99 -23.52 -12.37 2.02
N PHE B 100 -24.06 -11.77 0.96
CA PHE B 100 -25.39 -11.13 0.99
C PHE B 100 -25.44 -9.83 1.82
N ASP B 101 -24.26 -9.36 2.22
CA ASP B 101 -24.12 -8.05 2.87
C ASP B 101 -23.34 -7.10 1.96
N SER B 102 -22.26 -7.61 1.36
CA SER B 102 -21.37 -6.81 0.53
C SER B 102 -21.19 -7.48 -0.83
N PRO B 103 -20.70 -6.73 -1.85
CA PRO B 103 -20.53 -7.35 -3.16
C PRO B 103 -19.37 -8.35 -3.20
N ALA B 104 -18.42 -8.19 -2.27
CA ALA B 104 -17.22 -9.01 -2.21
C ALA B 104 -16.47 -8.71 -0.91
N PRO B 105 -15.44 -9.51 -0.58
CA PRO B 105 -14.61 -9.20 0.58
C PRO B 105 -13.99 -7.80 0.48
N VAL B 106 -13.71 -7.18 1.61
CA VAL B 106 -13.09 -5.85 1.60
C VAL B 106 -11.76 -5.92 0.86
N GLY B 107 -11.57 -4.98 -0.06
CA GLY B 107 -10.33 -4.90 -0.84
C GLY B 107 -10.27 -5.76 -2.08
N PHE B 108 -11.29 -6.60 -2.29
CA PHE B 108 -11.35 -7.46 -3.47
C PHE B 108 -11.25 -6.61 -4.75
N PRO B 109 -10.46 -7.04 -5.75
CA PRO B 109 -10.29 -6.21 -6.96
C PRO B 109 -11.59 -5.92 -7.69
N ASP B 110 -11.70 -4.72 -8.25
CA ASP B 110 -12.89 -4.31 -8.99
C ASP B 110 -12.58 -4.02 -10.47
N PHE B 111 -11.55 -4.70 -10.99
CA PHE B 111 -11.17 -4.56 -12.40
C PHE B 111 -12.12 -5.37 -13.29
N GLY B 112 -13.04 -4.67 -13.95
CA GLY B 112 -13.94 -5.31 -14.91
C GLY B 112 -13.36 -5.37 -16.31
N LYS B 113 -14.07 -6.07 -17.20
CA LYS B 113 -13.71 -6.17 -18.62
C LYS B 113 -12.22 -6.49 -18.87
N CYS B 114 -11.74 -7.53 -18.20
CA CYS B 114 -10.38 -8.05 -18.42
C CYS B 114 -10.28 -9.44 -17.80
N ASP B 115 -9.26 -10.19 -18.22
CA ASP B 115 -8.90 -11.44 -17.57
C ASP B 115 -7.83 -11.12 -16.53
N TRP B 116 -7.92 -11.81 -15.39
CA TRP B 116 -6.97 -11.62 -14.29
C TRP B 116 -5.94 -12.73 -14.29
N HIS B 117 -4.67 -12.37 -14.21
CA HIS B 117 -3.61 -13.34 -14.05
C HIS B 117 -2.99 -13.14 -12.68
N MET B 118 -3.36 -14.05 -11.78
CA MET B 118 -3.07 -13.91 -10.36
C MET B 118 -1.88 -14.74 -9.91
N ARG B 119 -1.28 -14.31 -8.81
CA ARG B 119 -0.23 -15.07 -8.13
C ARG B 119 -0.68 -15.23 -6.69
N ILE B 120 -0.76 -16.48 -6.24
CA ILE B 120 -1.23 -16.79 -4.90
C ILE B 120 -0.28 -17.77 -4.23
N SER B 121 -0.32 -17.83 -2.90
CA SER B 121 0.48 -18.79 -2.14
C SER B 121 -0.27 -19.26 -0.90
N LYS B 122 0.05 -20.47 -0.47
CA LYS B 122 -0.55 -21.06 0.73
C LYS B 122 0.03 -20.41 1.98
N THR B 123 -0.84 -20.03 2.92
CA THR B 123 -0.44 -19.31 4.12
C THR B 123 -1.04 -19.95 5.40
N PRO B 124 -0.28 -19.94 6.51
CA PRO B 124 1.09 -19.45 6.66
C PRO B 124 2.08 -20.46 6.11
N ASN B 125 3.32 -20.02 5.89
CA ASN B 125 4.37 -20.96 5.55
C ASN B 125 4.56 -21.98 6.67
N ASN B 126 4.66 -23.24 6.28
CA ASN B 126 4.98 -24.31 7.22
C ASN B 126 6.05 -25.23 6.62
N THR B 127 6.90 -24.65 5.77
CA THR B 127 7.90 -25.41 5.01
C THR B 127 9.30 -24.82 5.14
N SER B 128 10.31 -25.65 4.86
CA SER B 128 11.70 -25.22 4.95
C SER B 128 12.36 -25.02 3.58
N SER B 129 11.63 -25.30 2.50
CA SER B 129 12.10 -25.03 1.14
C SER B 129 10.94 -24.96 0.17
N GLY B 130 11.19 -24.39 -1.01
CA GLY B 130 10.25 -24.43 -2.12
C GLY B 130 9.66 -23.09 -2.50
N ASP B 131 9.52 -22.89 -3.81
CA ASP B 131 8.81 -21.74 -4.36
C ASP B 131 7.32 -21.93 -4.08
N PRO B 132 6.71 -21.04 -3.28
CA PRO B 132 5.30 -21.24 -2.89
C PRO B 132 4.30 -20.60 -3.85
N MET B 133 4.80 -19.93 -4.89
CA MET B 133 3.93 -19.12 -5.76
C MET B 133 3.23 -19.92 -6.85
N ARG B 134 1.93 -19.68 -6.99
CA ARG B 134 1.10 -20.38 -7.97
C ARG B 134 0.43 -19.38 -8.89
N SER B 135 0.48 -19.65 -10.20
CA SER B 135 -0.22 -18.86 -11.21
C SER B 135 -1.61 -19.43 -11.44
N VAL B 136 -2.62 -18.56 -11.35
CA VAL B 136 -4.00 -18.91 -11.71
C VAL B 136 -4.60 -17.79 -12.53
N SER B 137 -5.60 -18.11 -13.36
CA SER B 137 -6.29 -17.11 -14.17
C SER B 137 -7.77 -17.08 -13.87
N VAL B 138 -8.34 -15.88 -13.89
CA VAL B 138 -9.74 -15.67 -13.56
C VAL B 138 -10.41 -14.84 -14.64
N GLN B 139 -11.49 -15.37 -15.20
CA GLN B 139 -12.37 -14.59 -16.08
C GLN B 139 -13.52 -14.04 -15.26
N THR B 140 -13.91 -12.80 -15.56
CA THR B 140 -14.85 -12.09 -14.69
C THR B 140 -16.29 -12.05 -15.18
N ASN B 141 -16.51 -12.47 -16.42
CA ASN B 141 -17.87 -12.44 -16.98
C ASN B 141 -18.46 -13.83 -17.19
N VAL B 142 -17.86 -14.83 -16.54
CA VAL B 142 -18.31 -16.21 -16.63
C VAL B 142 -19.22 -16.57 -15.45
N GLN B 143 -19.97 -17.66 -15.58
CA GLN B 143 -20.91 -18.11 -14.57
C GLN B 143 -20.27 -18.31 -13.20
N GLY B 144 -19.01 -18.73 -13.19
CA GLY B 144 -18.28 -19.02 -11.95
C GLY B 144 -17.73 -17.82 -11.21
N PHE B 145 -17.83 -16.63 -11.81
CA PHE B 145 -17.38 -15.42 -11.13
C PHE B 145 -18.52 -14.86 -10.29
N VAL B 146 -18.58 -15.29 -9.03
CA VAL B 146 -19.68 -14.93 -8.14
C VAL B 146 -19.17 -14.52 -6.76
N PRO B 147 -18.32 -13.47 -6.70
CA PRO B 147 -17.77 -13.10 -5.39
C PRO B 147 -18.84 -12.72 -4.36
N HIS B 148 -19.98 -12.20 -4.82
CA HIS B 148 -21.08 -11.87 -3.90
C HIS B 148 -21.64 -13.11 -3.22
N LEU B 149 -21.52 -14.26 -3.88
CA LEU B 149 -21.94 -15.54 -3.31
C LEU B 149 -20.80 -16.23 -2.56
N GLY B 150 -19.62 -15.62 -2.61
CA GLY B 150 -18.48 -16.08 -1.82
C GLY B 150 -17.41 -16.85 -2.57
N SER B 151 -17.48 -16.88 -3.90
CA SER B 151 -16.51 -17.67 -4.66
C SER B 151 -16.16 -17.13 -6.04
N ILE B 152 -14.95 -17.45 -6.48
CA ILE B 152 -14.56 -17.23 -7.88
C ILE B 152 -13.96 -18.50 -8.45
N GLN B 153 -14.05 -18.66 -9.76
CA GLN B 153 -13.59 -19.87 -10.44
C GLN B 153 -12.33 -19.60 -11.26
N PHE B 154 -11.31 -20.44 -11.07
CA PHE B 154 -10.09 -20.37 -11.89
C PHE B 154 -10.33 -21.03 -13.25
N ASP B 155 -9.58 -20.61 -14.26
CA ASP B 155 -9.69 -21.18 -15.61
C ASP B 155 -9.35 -22.67 -15.65
N GLU B 156 -8.39 -23.08 -14.84
CA GLU B 156 -7.90 -24.46 -14.85
C GLU B 156 -8.05 -25.10 -13.48
N VAL B 157 -8.13 -26.43 -13.46
CA VAL B 157 -8.13 -27.17 -12.20
C VAL B 157 -6.85 -26.84 -11.43
N PHE B 158 -6.98 -26.66 -10.12
CA PHE B 158 -5.89 -26.23 -9.26
C PHE B 158 -5.21 -27.46 -8.67
N ASN B 159 -4.20 -27.97 -9.38
CA ASN B 159 -3.47 -29.17 -8.99
C ASN B 159 -2.31 -28.83 -8.06
N HIS B 160 -2.66 -28.24 -6.92
CA HIS B 160 -1.71 -27.85 -5.89
C HIS B 160 -2.35 -28.13 -4.54
N PRO B 161 -1.53 -28.24 -3.47
CA PRO B 161 -2.05 -28.62 -2.16
C PRO B 161 -3.23 -27.77 -1.66
N THR B 162 -4.21 -28.47 -1.06
CA THR B 162 -5.35 -27.85 -0.40
C THR B 162 -4.87 -26.85 0.66
N GLY B 163 -5.52 -25.70 0.74
CA GLY B 163 -5.22 -24.76 1.80
C GLY B 163 -5.83 -23.39 1.70
N ASP B 164 -5.32 -22.50 2.55
CA ASP B 164 -5.69 -21.11 2.66
C ASP B 164 -4.71 -20.34 1.78
N TYR B 165 -5.19 -19.77 0.69
CA TYR B 165 -4.33 -19.05 -0.25
C TYR B 165 -4.57 -17.55 -0.24
N ILE B 166 -3.50 -16.80 -0.37
CA ILE B 166 -3.55 -15.33 -0.42
C ILE B 166 -2.72 -14.86 -1.60
N GLY B 167 -3.20 -13.79 -2.26
CA GLY B 167 -2.43 -13.21 -3.34
C GLY B 167 -3.12 -12.03 -3.96
N THR B 168 -2.81 -11.80 -5.23
CA THR B 168 -3.29 -10.61 -5.91
C THR B 168 -3.26 -10.81 -7.42
N ILE B 169 -3.79 -9.85 -8.16
CA ILE B 169 -3.66 -9.86 -9.62
C ILE B 169 -2.28 -9.31 -9.96
N GLU B 170 -1.51 -10.06 -10.74
CA GLU B 170 -0.17 -9.63 -11.12
C GLU B 170 -0.17 -8.85 -12.44
N TRP B 171 -0.95 -9.33 -13.41
CA TRP B 171 -1.13 -8.62 -14.67
C TRP B 171 -2.50 -8.95 -15.23
N ILE B 172 -2.99 -8.09 -16.12
CA ILE B 172 -4.29 -8.31 -16.75
C ILE B 172 -4.13 -8.42 -18.27
N SER B 173 -5.11 -9.03 -18.91
CA SER B 173 -5.16 -9.07 -20.38
C SER B 173 -6.59 -8.90 -20.87
N GLN B 174 -6.77 -8.83 -22.19
CA GLN B 174 -8.10 -8.70 -22.78
C GLN B 174 -9.06 -9.78 -22.27
N PRO B 175 -10.33 -9.43 -22.04
CA PRO B 175 -11.28 -10.46 -21.61
C PRO B 175 -11.39 -11.56 -22.67
N SER B 176 -11.46 -12.82 -22.24
CA SER B 176 -11.54 -13.95 -23.17
C SER B 176 -12.84 -13.91 -23.98
N THR B 177 -13.91 -13.41 -23.36
CA THR B 177 -15.22 -13.25 -24.03
C THR B 177 -15.84 -11.89 -23.72
N PRO B 178 -16.56 -11.29 -24.70
CA PRO B 178 -16.68 -11.71 -26.09
C PRO B 178 -15.34 -11.57 -26.82
N PRO B 179 -14.97 -12.57 -27.63
CA PRO B 179 -13.63 -12.63 -28.23
C PRO B 179 -13.30 -11.36 -29.02
N GLY B 180 -12.08 -10.87 -28.84
CA GLY B 180 -11.62 -9.67 -29.54
C GLY B 180 -11.86 -8.35 -28.83
N THR B 181 -12.69 -8.36 -27.78
CA THR B 181 -12.96 -7.11 -27.05
C THR B 181 -11.76 -6.70 -26.20
N ASP B 182 -11.66 -5.40 -25.94
CA ASP B 182 -10.48 -4.85 -25.28
C ASP B 182 -10.72 -4.70 -23.79
N ILE B 183 -9.64 -4.48 -23.05
CA ILE B 183 -9.72 -4.14 -21.63
C ILE B 183 -10.45 -2.81 -21.48
N ASN B 184 -11.38 -2.75 -20.54
CA ASN B 184 -12.04 -1.49 -20.19
C ASN B 184 -12.11 -1.29 -18.68
N LEU B 185 -11.10 -0.62 -18.14
CA LEU B 185 -10.97 -0.44 -16.70
C LEU B 185 -11.91 0.61 -16.12
N TRP B 186 -12.74 1.22 -16.97
CA TRP B 186 -13.80 2.12 -16.51
C TRP B 186 -14.98 1.32 -15.96
N GLU B 187 -14.98 0.02 -16.23
CA GLU B 187 -16.06 -0.86 -15.84
C GLU B 187 -15.68 -1.73 -14.65
N ILE B 188 -16.69 -2.20 -13.93
CA ILE B 188 -16.53 -3.16 -12.85
C ILE B 188 -17.02 -4.53 -13.30
N PRO B 189 -16.58 -5.61 -12.64
CA PRO B 189 -17.09 -6.93 -12.99
C PRO B 189 -18.52 -7.14 -12.47
N ASP B 190 -19.15 -8.21 -12.94
CA ASP B 190 -20.45 -8.63 -12.44
C ASP B 190 -20.24 -9.47 -11.20
N TYR B 191 -20.52 -8.90 -10.04
CA TYR B 191 -20.28 -9.55 -8.74
C TYR B 191 -21.31 -10.61 -8.42
N GLY B 192 -22.52 -10.43 -8.96
CA GLY B 192 -23.65 -11.30 -8.62
C GLY B 192 -23.74 -12.53 -9.50
N SER B 193 -24.89 -13.20 -9.41
CA SER B 193 -25.12 -14.45 -10.13
C SER B 193 -26.32 -14.33 -11.08
N SER B 194 -26.66 -15.45 -11.71
CA SER B 194 -27.84 -15.52 -12.58
C SER B 194 -29.13 -15.40 -11.77
N LEU B 195 -29.10 -15.84 -10.52
CA LEU B 195 -30.28 -15.85 -9.65
C LEU B 195 -30.29 -14.74 -8.60
N SER B 196 -29.13 -14.13 -8.36
CA SER B 196 -29.01 -13.08 -7.34
C SER B 196 -28.12 -11.92 -7.77
N GLN B 197 -28.62 -10.70 -7.59
CA GLN B 197 -27.84 -9.49 -7.79
C GLN B 197 -27.01 -9.18 -6.54
N ALA B 198 -25.89 -8.48 -6.73
CA ALA B 198 -24.99 -8.14 -5.63
C ALA B 198 -25.60 -7.10 -4.69
N ALA B 199 -25.50 -7.37 -3.40
CA ALA B 199 -26.06 -6.50 -2.37
C ALA B 199 -25.07 -5.43 -1.94
N ASN B 200 -25.58 -4.22 -1.72
CA ASN B 200 -24.80 -3.07 -1.24
C ASN B 200 -23.61 -2.67 -2.11
N LEU B 201 -23.80 -2.73 -3.43
CA LEU B 201 -22.84 -2.13 -4.36
C LEU B 201 -22.79 -0.64 -4.10
N ALA B 202 -21.59 -0.07 -4.09
CA ALA B 202 -21.45 1.38 -4.06
C ALA B 202 -22.19 1.90 -5.29
N PRO B 203 -22.96 2.99 -5.13
CA PRO B 203 -23.80 3.44 -6.24
C PRO B 203 -22.99 4.04 -7.40
N PRO B 204 -23.61 4.15 -8.59
CA PRO B 204 -22.94 4.80 -9.71
C PRO B 204 -22.71 6.29 -9.47
N VAL B 205 -21.67 6.82 -10.11
CA VAL B 205 -21.37 8.25 -10.07
C VAL B 205 -21.56 8.77 -11.49
N PHE B 206 -22.46 9.74 -11.63
CA PHE B 206 -22.84 10.28 -12.93
C PHE B 206 -22.11 11.58 -13.24
N PRO B 207 -21.87 11.86 -14.53
CA PRO B 207 -21.34 13.19 -14.89
C PRO B 207 -22.25 14.28 -14.32
N PRO B 208 -21.66 15.27 -13.63
CA PRO B 208 -22.43 16.27 -12.87
C PRO B 208 -23.17 17.29 -13.74
N GLY B 209 -22.71 17.49 -14.98
CA GLY B 209 -23.28 18.51 -15.85
C GLY B 209 -22.97 19.93 -15.39
N PHE B 210 -23.71 20.89 -15.94
CA PHE B 210 -23.54 22.32 -15.62
C PHE B 210 -22.08 22.80 -15.77
N GLY B 211 -21.39 22.26 -16.76
CA GLY B 211 -20.00 22.63 -17.04
C GLY B 211 -18.97 21.88 -16.22
N GLU B 212 -19.41 21.18 -15.19
CA GLU B 212 -18.51 20.40 -14.34
C GLU B 212 -18.21 19.03 -14.94
N ALA B 213 -17.06 18.49 -14.59
CA ALA B 213 -16.65 17.17 -15.07
C ALA B 213 -15.94 16.44 -13.92
N LEU B 214 -16.17 15.14 -13.85
CA LEU B 214 -15.49 14.29 -12.87
C LEU B 214 -13.98 14.20 -13.12
N VAL B 215 -13.22 14.21 -12.02
CA VAL B 215 -11.77 14.09 -12.07
C VAL B 215 -11.36 12.68 -11.65
N TYR B 216 -10.48 12.06 -12.44
CA TYR B 216 -10.00 10.71 -12.16
C TYR B 216 -8.49 10.69 -11.99
N PHE B 217 -8.05 9.90 -11.01
CA PHE B 217 -6.63 9.70 -10.75
C PHE B 217 -6.22 8.37 -11.35
N VAL B 218 -5.16 8.39 -12.15
CA VAL B 218 -4.80 7.22 -12.96
C VAL B 218 -3.40 6.67 -12.66
N SER B 219 -3.29 5.35 -12.68
CA SER B 219 -2.02 4.65 -12.53
C SER B 219 -1.97 3.48 -13.52
N ALA B 220 -0.80 3.20 -14.06
CA ALA B 220 -0.63 2.12 -15.04
C ALA B 220 -0.50 0.76 -14.38
N PHE B 221 -1.15 -0.24 -14.96
CA PHE B 221 -1.15 -1.60 -14.44
C PHE B 221 -0.60 -2.57 -15.50
N PRO B 222 0.22 -3.57 -15.10
CA PRO B 222 0.87 -4.43 -16.11
C PRO B 222 -0.07 -5.24 -16.98
N GLY B 223 0.33 -5.45 -18.23
CA GLY B 223 -0.36 -6.35 -19.14
C GLY B 223 -0.61 -5.74 -20.51
N PRO B 224 -0.94 -6.59 -21.49
CA PRO B 224 -1.25 -6.13 -22.84
C PRO B 224 -2.66 -5.54 -22.96
N ASN B 225 -2.94 -4.94 -24.11
CA ASN B 225 -4.29 -4.60 -24.53
C ASN B 225 -4.31 -4.43 -26.04
N ASN B 226 -5.48 -4.22 -26.62
CA ASN B 226 -5.61 -4.07 -28.07
C ASN B 226 -4.93 -2.83 -28.64
N ARG B 227 -4.63 -1.85 -27.77
CA ARG B 227 -3.99 -0.60 -28.18
C ARG B 227 -2.47 -0.65 -28.05
N SER B 228 -1.96 -1.77 -27.52
CA SER B 228 -0.53 -1.94 -27.28
C SER B 228 0.05 -0.74 -26.50
N ALA B 229 -0.68 -0.36 -25.46
CA ALA B 229 -0.38 0.83 -24.67
C ALA B 229 -0.54 0.47 -23.20
N PRO B 230 -0.20 1.39 -22.27
CA PRO B 230 -0.39 1.02 -20.87
C PRO B 230 -1.87 0.83 -20.50
N ASN B 231 -2.12 -0.10 -19.57
CA ASN B 231 -3.44 -0.25 -18.97
C ASN B 231 -3.60 0.78 -17.85
N ASP B 232 -4.38 1.84 -18.10
CA ASP B 232 -4.53 2.91 -17.13
C ASP B 232 -5.76 2.72 -16.26
N VAL B 233 -5.55 2.73 -14.95
CA VAL B 233 -6.59 2.47 -13.96
C VAL B 233 -7.08 3.78 -13.33
N PRO B 234 -8.31 4.21 -13.66
CA PRO B 234 -8.87 5.43 -13.06
C PRO B 234 -9.51 5.17 -11.70
N CYS B 235 -9.36 6.11 -10.77
CA CYS B 235 -10.07 6.03 -9.49
C CYS B 235 -10.55 7.42 -9.08
N LEU B 236 -11.45 7.48 -8.09
CA LEU B 236 -12.09 8.75 -7.73
C LEU B 236 -11.36 9.55 -6.65
N LEU B 237 -10.61 8.85 -5.81
CA LEU B 237 -9.94 9.48 -4.67
C LEU B 237 -8.59 8.82 -4.41
N PRO B 238 -7.59 9.61 -4.00
CA PRO B 238 -6.35 8.99 -3.52
C PRO B 238 -6.64 8.16 -2.27
N GLN B 239 -5.99 7.01 -2.13
CA GLN B 239 -6.22 6.15 -0.95
C GLN B 239 -5.96 6.89 0.36
N GLU B 240 -4.95 7.75 0.37
CA GLU B 240 -4.61 8.51 1.58
C GLU B 240 -5.73 9.45 2.02
N TYR B 241 -6.51 9.95 1.06
CA TYR B 241 -7.68 10.76 1.38
C TYR B 241 -8.69 9.93 2.15
N ILE B 242 -8.91 8.70 1.68
CA ILE B 242 -9.83 7.77 2.32
C ILE B 242 -9.40 7.47 3.75
N THR B 243 -8.13 7.12 3.94
CA THR B 243 -7.60 6.85 5.28
C THR B 243 -7.80 8.05 6.20
N HIS B 244 -7.51 9.23 5.66
CA HIS B 244 -7.68 10.49 6.37
C HIS B 244 -9.12 10.71 6.82
N PHE B 245 -10.08 10.47 5.90
CA PHE B 245 -11.49 10.68 6.22
C PHE B 245 -11.99 9.69 7.28
N VAL B 246 -11.55 8.43 7.16
CA VAL B 246 -11.88 7.39 8.14
C VAL B 246 -11.37 7.73 9.54
N SER B 247 -10.15 8.26 9.60
CA SER B 247 -9.56 8.69 10.87
C SER B 247 -10.20 9.96 11.43
N GLU B 248 -10.41 10.95 10.57
CA GLU B 248 -10.89 12.28 11.00
C GLU B 248 -12.38 12.33 11.31
N GLN B 249 -13.17 11.67 10.46
CA GLN B 249 -14.64 11.66 10.58
C GLN B 249 -15.23 13.08 10.70
N ALA B 250 -14.74 13.99 9.87
CA ALA B 250 -15.21 15.37 9.86
C ALA B 250 -16.56 15.46 9.18
N PRO B 251 -17.55 16.06 9.86
CA PRO B 251 -18.89 16.14 9.27
C PRO B 251 -18.93 17.04 8.03
N THR B 252 -19.75 16.64 7.06
CA THR B 252 -19.93 17.41 5.83
C THR B 252 -20.91 18.54 6.08
N MET B 253 -20.48 19.78 5.80
CA MET B 253 -21.27 20.96 6.13
C MET B 253 -21.61 21.85 4.95
N GLY B 254 -21.38 21.34 3.73
CA GLY B 254 -21.79 22.06 2.53
C GLY B 254 -22.15 21.12 1.40
N ASP B 255 -22.75 21.68 0.34
CA ASP B 255 -23.04 20.89 -0.86
C ASP B 255 -21.75 20.30 -1.43
N ALA B 256 -20.66 21.06 -1.29
CA ALA B 256 -19.33 20.63 -1.73
C ALA B 256 -18.25 21.29 -0.89
N ALA B 257 -17.07 20.66 -0.84
CA ALA B 257 -15.88 21.28 -0.27
C ALA B 257 -15.09 21.91 -1.41
N LEU B 258 -14.88 23.23 -1.33
CA LEU B 258 -14.05 23.92 -2.32
C LEU B 258 -12.58 23.70 -2.01
N LEU B 259 -11.85 23.20 -3.00
CA LEU B 259 -10.41 22.98 -2.88
C LEU B 259 -9.64 23.85 -3.84
N HIS B 260 -8.44 24.26 -3.42
CA HIS B 260 -7.47 24.83 -4.34
C HIS B 260 -6.35 23.82 -4.55
N TYR B 261 -5.94 23.67 -5.81
CA TYR B 261 -4.79 22.83 -6.12
C TYR B 261 -3.59 23.76 -6.18
N VAL B 262 -2.70 23.64 -5.20
CA VAL B 262 -1.67 24.66 -4.94
C VAL B 262 -0.28 24.10 -5.22
N ASP B 263 0.52 24.90 -5.93
CA ASP B 263 1.94 24.59 -6.12
C ASP B 263 2.66 24.93 -4.80
N PRO B 264 3.21 23.92 -4.12
CA PRO B 264 3.84 24.14 -2.81
C PRO B 264 5.16 24.91 -2.87
N ASP B 265 5.76 24.97 -4.06
CA ASP B 265 6.99 25.72 -4.27
C ASP B 265 6.78 27.23 -4.23
N THR B 266 5.58 27.67 -4.62
CA THR B 266 5.28 29.09 -4.80
C THR B 266 4.03 29.57 -4.03
N ASN B 267 3.21 28.63 -3.58
CA ASN B 267 1.89 28.91 -2.99
C ASN B 267 0.88 29.45 -4.00
N ARG B 268 1.18 29.29 -5.28
CA ARG B 268 0.30 29.68 -6.38
C ARG B 268 -0.88 28.71 -6.51
N ASN B 269 -2.09 29.27 -6.57
CA ASN B 269 -3.30 28.50 -6.82
C ASN B 269 -3.39 28.15 -8.31
N LEU B 270 -3.34 26.85 -8.61
CA LEU B 270 -3.34 26.37 -9.99
C LEU B 270 -4.74 26.02 -10.51
N GLY B 271 -5.72 25.95 -9.63
CA GLY B 271 -7.09 25.68 -10.05
C GLY B 271 -8.04 25.33 -8.92
N GLU B 272 -9.32 25.62 -9.14
CA GLU B 272 -10.40 25.33 -8.18
C GLU B 272 -11.06 24.00 -8.51
N PHE B 273 -11.33 23.22 -7.47
CA PHE B 273 -12.03 21.94 -7.60
C PHE B 273 -13.13 21.84 -6.54
N LYS B 274 -14.18 21.10 -6.84
CA LYS B 274 -15.17 20.73 -5.83
C LYS B 274 -14.97 19.29 -5.40
N LEU B 275 -14.93 19.06 -4.09
CA LEU B 275 -14.97 17.71 -3.54
C LEU B 275 -16.36 17.49 -2.95
N TYR B 276 -17.13 16.62 -3.58
CA TYR B 276 -18.51 16.38 -3.18
C TYR B 276 -18.59 15.39 -2.02
N PRO B 277 -19.67 15.46 -1.21
CA PRO B 277 -19.84 14.60 -0.05
C PRO B 277 -19.74 13.12 -0.39
N GLY B 278 -20.15 12.77 -1.61
CA GLY B 278 -20.12 11.40 -2.10
C GLY B 278 -18.73 10.83 -2.35
N GLY B 279 -17.71 11.68 -2.26
CA GLY B 279 -16.32 11.23 -2.36
C GLY B 279 -15.75 11.24 -3.77
N TYR B 280 -16.01 12.32 -4.50
CA TYR B 280 -15.46 12.50 -5.83
C TYR B 280 -15.20 13.97 -6.09
N LEU B 281 -14.29 14.25 -7.01
CA LEU B 281 -13.91 15.63 -7.32
C LEU B 281 -14.41 16.04 -8.70
N THR B 282 -14.78 17.31 -8.84
CA THR B 282 -15.07 17.87 -10.15
C THR B 282 -14.27 19.14 -10.38
N CYS B 283 -14.16 19.52 -11.65
CA CYS B 283 -13.67 20.82 -12.02
C CYS B 283 -14.47 21.29 -13.23
N VAL B 284 -14.27 22.55 -13.62
CA VAL B 284 -14.85 23.05 -14.85
C VAL B 284 -13.73 23.26 -15.87
N PRO B 285 -13.66 22.38 -16.89
CA PRO B 285 -12.68 22.57 -17.95
C PRO B 285 -12.95 23.86 -18.72
N ASN B 286 -11.90 24.61 -19.03
CA ASN B 286 -12.03 25.87 -19.78
C ASN B 286 -12.01 25.63 -21.28
N GLY B 287 -13.02 24.91 -21.77
CA GLY B 287 -13.11 24.51 -23.16
C GLY B 287 -12.36 23.21 -23.44
N VAL B 288 -12.48 22.72 -24.67
CA VAL B 288 -11.81 21.48 -25.09
C VAL B 288 -10.29 21.72 -25.10
N GLY B 289 -9.54 20.74 -24.61
CA GLY B 289 -8.09 20.86 -24.49
C GLY B 289 -7.66 21.29 -23.11
N ALA B 290 -8.59 21.87 -22.35
CA ALA B 290 -8.34 22.30 -20.98
C ALA B 290 -8.81 21.21 -20.00
N GLY B 291 -8.40 21.35 -18.74
CA GLY B 291 -8.74 20.37 -17.74
C GLY B 291 -7.56 20.07 -16.84
N PRO B 292 -7.78 19.18 -15.85
CA PRO B 292 -6.78 18.92 -14.82
C PRO B 292 -5.53 18.23 -15.35
N GLN B 293 -5.63 17.60 -16.53
CA GLN B 293 -4.50 16.92 -17.15
C GLN B 293 -3.42 17.89 -17.65
N GLN B 294 -3.75 19.18 -17.69
CA GLN B 294 -2.79 20.23 -18.08
C GLN B 294 -1.93 20.67 -16.91
N LEU B 295 -2.30 20.24 -15.71
CA LEU B 295 -1.65 20.70 -14.48
C LEU B 295 -0.48 19.80 -14.07
N PRO B 296 0.55 20.38 -13.45
CA PRO B 296 1.65 19.59 -12.89
C PRO B 296 1.14 18.68 -11.77
N LEU B 297 1.86 17.59 -11.52
CA LEU B 297 1.40 16.59 -10.55
C LEU B 297 2.02 16.77 -9.16
N ASN B 298 2.77 17.85 -8.97
CA ASN B 298 3.44 18.12 -7.70
C ASN B 298 2.63 19.03 -6.77
N GLY B 299 1.40 19.34 -7.18
CA GLY B 299 0.53 20.21 -6.38
C GLY B 299 -0.10 19.51 -5.19
N VAL B 300 -0.60 20.31 -4.26
CA VAL B 300 -1.27 19.82 -3.06
C VAL B 300 -2.67 20.43 -3.02
N PHE B 301 -3.69 19.59 -2.83
CA PHE B 301 -5.04 20.10 -2.64
C PHE B 301 -5.20 20.69 -1.24
N LEU B 302 -5.87 21.82 -1.16
CA LEU B 302 -6.10 22.52 0.09
C LEU B 302 -7.57 22.87 0.24
N PHE B 303 -8.17 22.46 1.36
CA PHE B 303 -9.55 22.84 1.65
C PHE B 303 -9.63 24.33 1.95
N VAL B 304 -10.54 25.00 1.24
CA VAL B 304 -10.73 26.44 1.37
C VAL B 304 -12.00 26.79 2.16
N SER B 305 -13.12 26.23 1.73
CA SER B 305 -14.42 26.56 2.30
C SER B 305 -15.46 25.52 1.90
N TRP B 306 -16.49 25.38 2.73
CA TRP B 306 -17.71 24.72 2.30
C TRP B 306 -18.48 25.66 1.39
N VAL B 307 -19.03 25.12 0.31
CA VAL B 307 -19.82 25.92 -0.63
C VAL B 307 -21.19 25.29 -0.89
N SER B 308 -22.13 26.10 -1.39
CA SER B 308 -23.47 25.63 -1.72
C SER B 308 -23.54 25.08 -3.14
N ARG B 309 -24.72 24.59 -3.52
CA ARG B 309 -24.95 24.07 -4.87
C ARG B 309 -24.90 25.16 -5.93
N PHE B 310 -25.02 26.42 -5.49
CA PHE B 310 -25.04 27.55 -6.41
C PHE B 310 -23.66 28.11 -6.70
N TYR B 311 -22.63 27.54 -6.08
CA TYR B 311 -21.25 27.98 -6.32
C TYR B 311 -20.74 27.53 -7.68
N GLN B 312 -20.29 28.49 -8.48
CA GLN B 312 -19.75 28.21 -9.80
C GLN B 312 -18.23 28.21 -9.74
N LEU B 313 -17.63 27.09 -10.13
CA LEU B 313 -16.18 26.96 -10.15
C LEU B 313 -15.57 27.84 -11.24
N LYS B 314 -14.46 28.49 -10.91
CA LYS B 314 -13.63 29.15 -11.89
C LYS B 314 -13.00 28.07 -12.78
N PRO B 315 -13.11 28.20 -14.11
CA PRO B 315 -12.58 27.20 -15.03
C PRO B 315 -11.08 26.96 -14.90
N VAL B 316 -10.65 25.71 -15.06
CA VAL B 316 -9.23 25.35 -14.96
C VAL B 316 -8.52 25.43 -16.31
C1 NAG C . 23.33 -27.53 -8.39
C2 NAG C . 22.72 -26.37 -7.60
C3 NAG C . 21.20 -26.52 -7.61
C4 NAG C . 20.71 -26.59 -9.06
C5 NAG C . 21.53 -27.53 -9.96
C6 NAG C . 21.27 -27.22 -11.43
C7 NAG C . 24.10 -25.28 -5.92
C8 NAG C . 24.61 -25.30 -4.51
N2 NAG C . 23.27 -26.28 -6.26
O1 NAG C . 24.74 -27.47 -8.30
O3 NAG C . 20.59 -25.37 -7.05
O4 NAG C . 19.34 -26.97 -9.06
O5 NAG C . 22.93 -27.41 -9.74
O6 NAG C . 19.98 -27.65 -11.81
O7 NAG C . 24.45 -24.39 -6.69
C1 GAL C . 20.01 -25.56 -5.75
C2 GAL C . 19.52 -24.16 -5.34
C3 GAL C . 18.70 -24.18 -4.05
C4 GAL C . 17.65 -25.30 -4.05
C5 GAL C . 18.31 -26.63 -4.45
C6 GAL C . 17.28 -27.76 -4.49
O2 GAL C . 20.64 -23.30 -5.22
O3 GAL C . 18.14 -22.89 -3.95
O4 GAL C . 16.61 -24.99 -4.94
O5 GAL C . 18.92 -26.48 -5.72
O6 GAL C . 17.95 -29.01 -4.56
C1 FUC C . 20.37 -21.99 -5.81
C2 FUC C . 21.35 -20.96 -5.24
C3 FUC C . 22.74 -21.14 -5.86
C4 FUC C . 22.70 -21.21 -7.39
C5 FUC C . 21.64 -22.23 -7.84
C6 FUC C . 21.47 -22.26 -9.35
O2 FUC C . 21.42 -21.10 -3.84
O3 FUC C . 23.58 -20.07 -5.45
O4 FUC C . 22.40 -19.94 -7.92
O5 FUC C . 20.39 -21.96 -7.23
O5 A2G C . 17.82 -22.86 -1.54
C1 A2G C . 17.25 -22.69 -2.84
C2 A2G C . 16.70 -21.27 -3.02
N2 A2G C . 16.18 -21.07 -4.37
C3 A2G C . 17.83 -20.28 -2.74
O3 A2G C . 17.33 -18.94 -2.87
C4 A2G C . 18.39 -20.51 -1.34
O4 A2G C . 17.36 -20.31 -0.37
C5 A2G C . 18.88 -21.96 -1.22
C6 A2G C . 19.39 -22.24 0.19
O6 A2G C . 20.04 -23.51 0.20
C7 A2G C . 14.98 -21.50 -4.77
O7 A2G C . 14.22 -22.12 -4.04
C8 A2G C . 14.66 -21.19 -6.20
C1 NAG D . -6.26 -23.53 -27.98
C2 NAG D . -6.41 -22.32 -27.06
C3 NAG D . -5.06 -21.62 -26.84
C4 NAG D . -3.93 -22.61 -26.52
C5 NAG D . -3.97 -23.82 -27.45
C6 NAG D . -2.95 -24.89 -27.05
C7 NAG D . -8.59 -21.20 -27.11
C8 NAG D . -9.45 -20.19 -27.82
N2 NAG D . -7.37 -21.38 -27.62
O1 NAG D . -7.50 -24.20 -28.03
O3 NAG D . -5.21 -20.71 -25.77
O4 NAG D . -2.69 -21.96 -26.64
O5 NAG D . -5.26 -24.39 -27.47
O6 NAG D . -3.28 -25.44 -25.79
O7 NAG D . -9.04 -21.82 -26.15
C1 GAL D . -5.05 -19.34 -26.21
C2 GAL D . -5.34 -18.43 -25.02
C3 GAL D . -4.91 -16.98 -25.25
C4 GAL D . -3.54 -16.89 -25.91
C5 GAL D . -3.52 -17.78 -27.16
C6 GAL D . -2.18 -17.70 -27.90
O2 GAL D . -6.71 -18.49 -24.66
O3 GAL D . -4.96 -16.36 -23.98
O4 GAL D . -2.54 -17.30 -25.01
O5 GAL D . -3.76 -19.12 -26.76
O6 GAL D . -2.26 -18.52 -29.06
C1 FUC D . -6.89 -18.61 -23.23
C2 FUC D . -8.32 -18.23 -22.85
C3 FUC D . -9.30 -19.33 -23.26
C4 FUC D . -8.84 -20.71 -22.76
C5 FUC D . -7.38 -20.94 -23.16
C6 FUC D . -6.84 -22.28 -22.68
O2 FUC D . -8.68 -17.03 -23.47
O3 FUC D . -10.59 -19.04 -22.76
O4 FUC D . -8.98 -20.78 -21.37
O5 FUC D . -6.57 -19.89 -22.69
O5 A2G D . -5.46 -14.13 -24.78
C1 A2G D . -4.65 -14.96 -23.95
C2 A2G D . -4.75 -14.51 -22.50
N2 A2G D . -3.99 -15.40 -21.62
C3 A2G D . -6.22 -14.48 -22.07
O3 A2G D . -6.32 -14.02 -20.72
C4 A2G D . -7.03 -13.59 -23.01
O4 A2G D . -6.58 -12.23 -22.90
C5 A2G D . -6.85 -14.07 -24.45
C6 A2G D . -7.54 -13.14 -25.44
O6 A2G D . -8.72 -13.75 -25.93
C7 A2G D . -2.67 -15.36 -21.48
O7 A2G D . -1.94 -14.60 -22.09
C8 A2G D . -2.12 -16.38 -20.51
NA NA E . 27.01 -4.86 -0.78
NA NA F . -21.01 -12.93 -11.86
#